data_6W88
#
_entry.id   6W88
#
_cell.length_a   67.006
_cell.length_b   119.996
_cell.length_c   128.794
_cell.angle_alpha   90
_cell.angle_beta   90
_cell.angle_gamma   90
#
_symmetry.space_group_name_H-M   'P 21 21 21'
#
loop_
_entity.id
_entity.type
_entity.pdbx_description
1 polymer 'Potassium channel subfamily K member 2'
2 non-polymer N-[(2,4-dichlorophenyl)methyl]-4-[(methylsulfonyl)amino]benzamide
3 non-polymer 'CADMIUM ION'
4 non-polymer DODECANE
5 non-polymer DECANE
6 non-polymer PENTANE
7 non-polymer N-OCTANE
8 non-polymer HEXADECANE
9 non-polymer 'POTASSIUM ION'
10 non-polymer UNDECANE
#
_entity_poly.entity_id   1
_entity_poly.type   'polypeptide(L)'
_entity_poly.pdbx_seq_one_letter_code
;MSFSSKPTVLASRVESDSAINVMKWKTVSTIFLVVVLYLIIGATVFKALEQPQEISQRTTIVIQREKFLRAHPCVSDQEL
DELIQQIVAAINAGIIPLGASSNQVSHWDLGSSFFFAGTVITTIGFGNISPRTEGGKIFCIIYALLGIPLFGFLLAGVGD
QLGTIFGKGIAKVEDTFIKWNVSQTKIRIISTIIFILFGCVLFVALPAVIFKHIEGWSALDAIYFVVITLTTIGFGDYVA
GGSDIEYLDFYKPVVWFWILVGLAYFAAVLSMIGDWLRVIAKKTKEAVGEFRAHAAEWTANVTSNSLEVLFQ
;
_entity_poly.pdbx_strand_id   A,B
#
loop_
_chem_comp.id
_chem_comp.type
_chem_comp.name
_chem_comp.formula
CD non-polymer 'CADMIUM ION' 'Cd 2'
D10 non-polymer DECANE 'C10 H22'
D12 non-polymer DODECANE 'C12 H26'
K non-polymer 'POTASSIUM ION' 'K 1'
LNK non-polymer PENTANE 'C5 H12'
OCT non-polymer N-OCTANE 'C8 H18'
Q6F non-polymer N-[(2,4-dichlorophenyl)methyl]-4-[(methylsulfonyl)amino]benzamide 'C15 H14 Cl2 N2 O3 S'
R16 non-polymer HEXADECANE 'C16 H34'
UND non-polymer UNDECANE 'C11 H24'
#
# COMPACT_ATOMS: atom_id res chain seq x y z
N SER A 16 7.67 19.70 35.86
CA SER A 16 6.63 18.75 35.54
C SER A 16 6.81 18.15 34.15
N ASP A 17 6.97 16.83 34.10
CA ASP A 17 7.16 16.10 32.85
C ASP A 17 5.92 15.34 32.41
N SER A 18 5.06 14.93 33.34
CA SER A 18 3.74 14.45 32.95
C SER A 18 2.85 15.58 32.45
N ALA A 19 3.22 16.82 32.73
CA ALA A 19 2.50 17.97 32.19
C ALA A 19 2.63 18.05 30.68
N ILE A 20 3.79 17.69 30.18
CA ILE A 20 4.05 17.77 28.75
C ILE A 20 3.39 16.59 28.03
N ASN A 21 3.34 15.44 28.69
CA ASN A 21 2.81 14.25 28.04
C ASN A 21 1.30 14.29 27.98
N VAL A 22 0.69 14.99 28.93
CA VAL A 22 -0.75 15.24 28.86
C VAL A 22 -1.07 16.27 27.80
N MET A 23 -0.16 17.21 27.55
CA MET A 23 -0.31 18.07 26.37
C MET A 23 -0.23 17.27 25.08
N LYS A 24 0.64 16.26 25.03
CA LYS A 24 0.76 15.44 23.83
C LYS A 24 -0.47 14.54 23.65
N TRP A 25 -0.84 13.79 24.70
CA TRP A 25 -1.94 12.85 24.56
C TRP A 25 -3.26 13.56 24.26
N LYS A 26 -3.36 14.84 24.64
CA LYS A 26 -4.48 15.65 24.18
C LYS A 26 -4.43 15.83 22.67
N THR A 27 -3.23 16.02 22.12
CA THR A 27 -3.14 16.25 20.68
C THR A 27 -3.32 14.95 19.91
N VAL A 28 -2.79 13.85 20.44
CA VAL A 28 -2.99 12.54 19.81
C VAL A 28 -4.47 12.22 19.70
N SER A 29 -5.19 12.32 20.82
CA SER A 29 -6.57 11.88 20.87
C SER A 29 -7.45 12.67 19.89
N THR A 30 -7.25 13.98 19.81
CA THR A 30 -8.06 14.79 18.91
C THR A 30 -7.84 14.40 17.46
N ILE A 31 -6.58 14.24 17.05
CA ILE A 31 -6.28 13.74 15.72
C ILE A 31 -7.00 12.42 15.48
N PHE A 32 -6.77 11.47 16.39
CA PHE A 32 -7.41 10.17 16.35
C PHE A 32 -8.90 10.27 16.05
N LEU A 33 -9.62 11.12 16.78
CA LEU A 33 -11.05 11.25 16.53
C LEU A 33 -11.33 11.93 15.21
N VAL A 34 -10.43 12.81 14.76
CA VAL A 34 -10.54 13.34 13.40
C VAL A 34 -10.42 12.22 12.39
N VAL A 35 -9.40 11.37 12.54
CA VAL A 35 -9.27 10.18 11.71
C VAL A 35 -10.50 9.31 11.80
N VAL A 36 -10.92 8.98 13.03
CA VAL A 36 -12.12 8.17 13.20
C VAL A 36 -13.29 8.77 12.43
N LEU A 37 -13.48 10.08 12.55
CA LEU A 37 -14.63 10.70 11.91
C LEU A 37 -14.41 10.88 10.41
N TYR A 38 -13.15 11.06 9.98
CA TYR A 38 -12.85 11.07 8.55
C TYR A 38 -13.18 9.73 7.91
N LEU A 39 -12.90 8.65 8.64
CA LEU A 39 -13.28 7.32 8.17
C LEU A 39 -14.80 7.18 8.08
N ILE A 40 -15.52 7.63 9.12
CA ILE A 40 -16.97 7.52 9.16
C ILE A 40 -17.60 8.25 7.98
N ILE A 41 -17.23 9.52 7.80
CA ILE A 41 -17.70 10.27 6.63
C ILE A 41 -17.35 9.51 5.36
N GLY A 42 -16.12 9.04 5.26
CA GLY A 42 -15.68 8.23 4.13
C GLY A 42 -16.56 7.02 3.90
N ALA A 43 -16.60 6.12 4.89
CA ALA A 43 -17.44 4.92 4.82
C ALA A 43 -18.81 5.20 4.24
N THR A 44 -19.52 6.17 4.83
CA THR A 44 -20.87 6.48 4.38
C THR A 44 -20.90 6.97 2.94
N VAL A 45 -19.85 7.63 2.46
CA VAL A 45 -19.88 8.04 1.06
C VAL A 45 -19.60 6.87 0.13
N PHE A 46 -18.75 5.91 0.55
CA PHE A 46 -18.45 4.77 -0.31
C PHE A 46 -19.64 3.82 -0.41
N LYS A 47 -20.23 3.46 0.74
CA LYS A 47 -21.46 2.68 0.72
C LYS A 47 -22.54 3.37 -0.14
N ALA A 48 -22.68 4.68 0.01
CA ALA A 48 -23.61 5.43 -0.84
C ALA A 48 -23.32 5.20 -2.32
N LEU A 49 -22.04 5.20 -2.68
CA LEU A 49 -21.64 5.10 -4.07
C LEU A 49 -21.62 3.68 -4.60
N GLU A 50 -21.49 2.68 -3.73
CA GLU A 50 -21.16 1.33 -4.19
C GLU A 50 -22.21 0.27 -3.86
N GLN A 51 -22.95 0.42 -2.75
CA GLN A 51 -24.10 -0.44 -2.47
C GLN A 51 -25.02 -0.60 -3.68
N PRO A 52 -25.48 0.48 -4.35
CA PRO A 52 -26.44 0.30 -5.45
C PRO A 52 -25.91 -0.56 -6.58
N GLN A 53 -24.70 -0.18 -7.06
CA GLN A 53 -23.98 -0.86 -8.15
C GLN A 53 -23.56 -2.29 -7.79
N GLU A 54 -23.54 -2.59 -6.50
CA GLU A 54 -23.32 -3.96 -6.04
C GLU A 54 -24.59 -4.78 -6.15
N ILE A 55 -25.75 -4.14 -5.96
CA ILE A 55 -27.02 -4.86 -6.11
C ILE A 55 -27.26 -5.20 -7.58
N SER A 56 -27.15 -4.19 -8.44
CA SER A 56 -27.44 -4.38 -9.85
C SER A 56 -26.48 -5.36 -10.51
N GLN A 57 -25.27 -5.47 -9.98
CA GLN A 57 -24.35 -6.47 -10.49
C GLN A 57 -24.65 -7.85 -9.90
N ARG A 58 -25.28 -7.88 -8.72
CA ARG A 58 -25.65 -9.17 -8.13
C ARG A 58 -26.97 -9.70 -8.66
N THR A 59 -27.89 -8.84 -9.08
CA THR A 59 -29.10 -9.37 -9.70
C THR A 59 -28.82 -9.85 -11.11
N THR A 60 -28.01 -9.11 -11.86
CA THR A 60 -27.68 -9.52 -13.22
C THR A 60 -26.66 -10.63 -13.30
N ILE A 61 -25.99 -10.97 -12.20
CA ILE A 61 -25.14 -12.15 -12.23
C ILE A 61 -25.96 -13.41 -11.97
N VAL A 62 -27.07 -13.27 -11.27
CA VAL A 62 -28.00 -14.38 -11.13
C VAL A 62 -28.83 -14.53 -12.39
N ILE A 63 -29.03 -13.44 -13.13
CA ILE A 63 -29.65 -13.52 -14.45
C ILE A 63 -28.75 -14.32 -15.39
N GLN A 64 -27.49 -13.92 -15.51
CA GLN A 64 -26.57 -14.63 -16.38
C GLN A 64 -26.52 -16.13 -16.04
N ARG A 65 -26.69 -16.46 -14.76
CA ARG A 65 -26.55 -17.84 -14.32
C ARG A 65 -27.71 -18.71 -14.82
N GLU A 66 -28.94 -18.42 -14.37
CA GLU A 66 -30.10 -19.16 -14.87
C GLU A 66 -30.28 -19.05 -16.37
N LYS A 67 -29.80 -17.98 -17.00
CA LYS A 67 -29.85 -17.93 -18.46
C LYS A 67 -28.80 -18.85 -19.09
N PHE A 68 -27.89 -19.41 -18.31
CA PHE A 68 -26.94 -20.37 -18.86
C PHE A 68 -27.35 -21.81 -18.60
N LEU A 69 -28.41 -22.00 -17.81
CA LEU A 69 -29.09 -23.30 -17.72
C LEU A 69 -30.14 -23.44 -18.82
N ARG A 70 -30.88 -22.37 -19.12
CA ARG A 70 -31.89 -22.47 -20.18
C ARG A 70 -31.28 -22.35 -21.57
N ALA A 71 -30.31 -21.47 -21.76
CA ALA A 71 -29.72 -21.36 -23.09
C ALA A 71 -28.77 -22.50 -23.42
N HIS A 72 -28.57 -23.43 -22.48
CA HIS A 72 -27.80 -24.65 -22.73
C HIS A 72 -28.41 -25.73 -21.86
N PRO A 73 -29.48 -26.37 -22.32
CA PRO A 73 -30.14 -27.40 -21.49
C PRO A 73 -29.27 -28.62 -21.27
N CYS A 74 -28.21 -28.77 -22.06
CA CYS A 74 -27.15 -29.73 -21.79
C CYS A 74 -26.64 -29.65 -20.36
N VAL A 75 -26.62 -28.46 -19.78
CA VAL A 75 -26.06 -28.29 -18.43
C VAL A 75 -27.12 -28.63 -17.39
N SER A 76 -26.82 -29.59 -16.54
CA SER A 76 -27.69 -29.84 -15.40
C SER A 76 -27.28 -28.93 -14.25
N ASP A 77 -28.25 -28.70 -13.35
CA ASP A 77 -28.06 -27.71 -12.29
C ASP A 77 -26.98 -28.16 -11.31
N GLN A 78 -26.69 -29.45 -11.28
CA GLN A 78 -25.80 -30.03 -10.30
C GLN A 78 -24.34 -29.86 -10.70
N GLU A 79 -24.06 -29.89 -12.00
CA GLU A 79 -22.66 -29.86 -12.41
C GLU A 79 -22.16 -28.44 -12.67
N LEU A 80 -23.03 -27.44 -12.53
CA LEU A 80 -22.59 -26.05 -12.58
C LEU A 80 -21.99 -25.60 -11.26
N ASP A 81 -22.55 -26.09 -10.15
CA ASP A 81 -21.99 -25.79 -8.85
C ASP A 81 -20.57 -26.31 -8.75
N GLU A 82 -20.29 -27.41 -9.45
CA GLU A 82 -18.99 -28.04 -9.42
C GLU A 82 -17.97 -27.22 -10.19
N LEU A 83 -18.38 -26.72 -11.36
CA LEU A 83 -17.52 -25.86 -12.16
C LEU A 83 -17.09 -24.62 -11.39
N ILE A 84 -18.03 -23.95 -10.73
CA ILE A 84 -17.72 -22.71 -10.04
C ILE A 84 -16.77 -22.95 -8.88
N GLN A 85 -16.82 -24.14 -8.27
CA GLN A 85 -15.85 -24.47 -7.24
C GLN A 85 -14.45 -24.61 -7.86
N GLN A 86 -14.41 -25.11 -9.09
CA GLN A 86 -13.16 -25.32 -9.79
C GLN A 86 -12.55 -24.02 -10.26
N ILE A 87 -13.40 -23.02 -10.48
CA ILE A 87 -12.94 -21.71 -10.93
C ILE A 87 -12.45 -20.87 -9.76
N VAL A 88 -13.22 -20.85 -8.67
CA VAL A 88 -12.75 -20.21 -7.45
C VAL A 88 -11.44 -20.82 -6.98
N ALA A 89 -11.29 -22.13 -7.12
CA ALA A 89 -10.01 -22.77 -6.82
C ALA A 89 -8.89 -22.22 -7.69
N ALA A 90 -9.19 -21.92 -8.96
CA ALA A 90 -8.18 -21.48 -9.91
C ALA A 90 -7.99 -19.98 -9.93
N ILE A 91 -8.84 -19.23 -9.23
CA ILE A 91 -8.53 -17.84 -8.94
C ILE A 91 -7.43 -17.77 -7.89
N ASN A 92 -7.16 -18.86 -7.20
CA ASN A 92 -6.06 -18.83 -6.24
C ASN A 92 -4.72 -19.11 -6.91
N ALA A 93 -4.73 -19.37 -8.22
CA ALA A 93 -3.51 -19.36 -9.02
C ALA A 93 -3.56 -18.25 -10.07
N GLY A 94 -4.61 -18.22 -10.89
CA GLY A 94 -4.76 -17.18 -11.88
C GLY A 94 -6.14 -17.14 -12.46
N SER A 106 2.58 -16.75 -18.56
CA SER A 106 2.90 -17.28 -17.23
C SER A 106 2.98 -16.16 -16.19
N HIS A 107 2.64 -16.43 -14.93
CA HIS A 107 2.76 -15.37 -13.93
C HIS A 107 4.17 -15.19 -13.42
N TRP A 108 4.93 -16.27 -13.29
CA TRP A 108 6.22 -16.20 -12.61
C TRP A 108 7.36 -16.33 -13.61
N ASP A 109 7.16 -15.73 -14.78
CA ASP A 109 8.18 -15.81 -15.80
C ASP A 109 9.39 -14.97 -15.39
N LEU A 110 10.44 -15.07 -16.20
CA LEU A 110 11.67 -14.33 -16.00
C LEU A 110 11.51 -12.85 -15.66
N GLY A 111 10.51 -12.15 -16.21
CA GLY A 111 10.30 -10.75 -15.86
C GLY A 111 9.13 -10.38 -14.93
N SER A 112 8.09 -11.22 -14.78
CA SER A 112 7.01 -10.84 -13.86
C SER A 112 7.43 -11.06 -12.41
N SER A 113 8.35 -11.99 -12.19
CA SER A 113 8.98 -12.11 -10.88
C SER A 113 9.84 -10.89 -10.58
N PHE A 114 10.37 -10.23 -11.61
CA PHE A 114 11.05 -8.95 -11.40
C PHE A 114 10.06 -7.86 -11.01
N PHE A 115 8.96 -7.76 -11.78
CA PHE A 115 7.81 -6.96 -11.38
C PHE A 115 7.39 -7.23 -9.94
N PHE A 116 7.23 -8.50 -9.58
CA PHE A 116 6.77 -8.82 -8.24
C PHE A 116 7.71 -8.26 -7.18
N ALA A 117 9.01 -8.54 -7.31
CA ALA A 117 9.99 -7.93 -6.41
C ALA A 117 9.81 -6.43 -6.34
N GLY A 118 9.36 -5.81 -7.44
CA GLY A 118 9.04 -4.40 -7.42
C GLY A 118 7.87 -4.07 -6.51
N THR A 119 6.78 -4.82 -6.62
CA THR A 119 5.61 -4.56 -5.78
C THR A 119 5.93 -4.68 -4.30
N VAL A 120 6.94 -5.48 -3.96
CA VAL A 120 7.30 -5.67 -2.55
C VAL A 120 8.03 -4.46 -2.02
N ILE A 121 9.19 -4.13 -2.60
CA ILE A 121 10.08 -3.15 -2.01
C ILE A 121 9.60 -1.72 -2.15
N THR A 122 8.63 -1.47 -3.03
CA THR A 122 7.94 -0.18 -3.07
C THR A 122 6.68 -0.17 -2.21
N THR A 123 6.23 -1.34 -1.76
CA THR A 123 4.98 -1.52 -1.03
C THR A 123 3.81 -0.91 -1.79
N ILE A 124 3.91 -0.92 -3.12
CA ILE A 124 2.69 -0.77 -3.90
C ILE A 124 1.84 -2.02 -3.76
N GLY A 125 2.46 -3.18 -3.92
CA GLY A 125 1.84 -4.46 -3.65
C GLY A 125 0.51 -4.66 -4.33
N PHE A 126 0.51 -4.67 -5.67
CA PHE A 126 -0.72 -4.93 -6.40
C PHE A 126 -1.31 -6.28 -6.00
N GLY A 127 -0.48 -7.30 -5.91
CA GLY A 127 -0.97 -8.58 -5.46
C GLY A 127 -1.79 -9.36 -6.45
N ASN A 128 -1.92 -8.88 -7.69
CA ASN A 128 -2.38 -9.79 -8.74
C ASN A 128 -1.48 -11.02 -8.72
N ILE A 129 -0.19 -10.81 -8.46
CA ILE A 129 0.77 -11.88 -8.27
C ILE A 129 1.20 -11.88 -6.82
N SER A 130 1.17 -13.05 -6.19
CA SER A 130 1.59 -13.18 -4.81
C SER A 130 2.04 -14.62 -4.60
N PRO A 131 3.01 -14.83 -3.73
CA PRO A 131 3.55 -16.19 -3.55
C PRO A 131 2.52 -17.17 -2.99
N ARG A 132 2.66 -18.40 -3.45
CA ARG A 132 1.83 -19.53 -3.02
C ARG A 132 2.62 -20.56 -2.24
N THR A 133 3.86 -20.83 -2.67
CA THR A 133 4.76 -21.70 -1.93
C THR A 133 5.00 -21.13 -0.54
N GLU A 134 5.11 -22.02 0.47
CA GLU A 134 5.44 -21.52 1.80
C GLU A 134 6.83 -20.90 1.79
N GLY A 135 7.73 -21.46 0.98
CA GLY A 135 9.04 -20.86 0.81
C GLY A 135 8.98 -19.47 0.23
N GLY A 136 8.13 -19.28 -0.80
CA GLY A 136 7.98 -17.96 -1.39
C GLY A 136 7.45 -16.93 -0.41
N LYS A 137 6.51 -17.33 0.45
CA LYS A 137 6.06 -16.45 1.51
C LYS A 137 7.19 -16.12 2.48
N ILE A 138 7.89 -17.15 2.96
CA ILE A 138 8.98 -16.92 3.91
C ILE A 138 10.07 -16.03 3.31
N PHE A 139 10.41 -16.25 2.04
CA PHE A 139 11.37 -15.38 1.36
C PHE A 139 10.81 -13.96 1.25
N CYS A 140 9.54 -13.84 0.86
CA CYS A 140 8.90 -12.53 0.72
C CYS A 140 8.95 -11.74 2.02
N ILE A 141 8.76 -12.42 3.15
CA ILE A 141 8.92 -11.77 4.45
C ILE A 141 10.33 -11.20 4.60
N ILE A 142 11.34 -12.03 4.32
CA ILE A 142 12.72 -11.58 4.42
C ILE A 142 13.01 -10.50 3.39
N TYR A 143 12.60 -10.75 2.14
CA TYR A 143 12.88 -9.81 1.06
C TYR A 143 12.32 -8.43 1.37
N ALA A 144 11.13 -8.38 1.99
CA ALA A 144 10.49 -7.11 2.30
C ALA A 144 11.21 -6.35 3.41
N LEU A 145 11.56 -7.05 4.50
CA LEU A 145 12.19 -6.38 5.63
C LEU A 145 13.56 -5.82 5.30
N LEU A 146 14.16 -6.30 4.22
CA LEU A 146 15.45 -5.81 3.76
C LEU A 146 15.33 -4.89 2.54
N GLY A 147 14.30 -5.08 1.72
CA GLY A 147 14.10 -4.30 0.52
C GLY A 147 13.40 -2.99 0.78
N ILE A 148 12.32 -3.01 1.57
CA ILE A 148 11.57 -1.78 1.84
C ILE A 148 12.47 -0.70 2.43
N PRO A 149 13.37 -0.98 3.40
CA PRO A 149 14.39 0.01 3.74
C PRO A 149 15.29 0.40 2.58
N LEU A 150 15.91 -0.59 1.91
CA LEU A 150 16.84 -0.30 0.82
C LEU A 150 16.24 0.61 -0.24
N PHE A 151 15.11 0.19 -0.83
CA PHE A 151 14.45 1.03 -1.83
C PHE A 151 14.23 2.44 -1.32
N GLY A 152 13.90 2.56 -0.03
CA GLY A 152 13.77 3.86 0.61
C GLY A 152 14.92 4.80 0.32
N PHE A 153 16.17 4.33 0.52
CA PHE A 153 17.30 5.21 0.32
C PHE A 153 17.37 5.70 -1.13
N LEU A 154 17.14 4.80 -2.08
CA LEU A 154 17.03 5.19 -3.48
C LEU A 154 15.97 6.29 -3.65
N LEU A 155 14.78 6.08 -3.09
CA LEU A 155 13.70 7.02 -3.30
C LEU A 155 13.97 8.36 -2.63
N ALA A 156 14.95 8.40 -1.72
CA ALA A 156 15.39 9.67 -1.15
C ALA A 156 16.36 10.38 -2.09
N GLY A 157 17.35 9.65 -2.61
CA GLY A 157 18.20 10.22 -3.65
C GLY A 157 17.40 10.64 -4.86
N VAL A 158 16.52 9.76 -5.36
CA VAL A 158 15.62 10.10 -6.46
C VAL A 158 14.90 11.42 -6.17
N GLY A 159 14.55 11.65 -4.90
CA GLY A 159 13.90 12.89 -4.50
C GLY A 159 14.85 14.04 -4.34
N ASP A 160 16.05 13.75 -3.83
CA ASP A 160 17.12 14.76 -3.75
C ASP A 160 17.41 15.36 -5.12
N GLN A 161 17.89 14.54 -6.05
CA GLN A 161 18.20 15.01 -7.39
C GLN A 161 17.03 15.76 -7.98
N LEU A 162 15.85 15.12 -7.98
CA LEU A 162 14.65 15.70 -8.57
C LEU A 162 14.26 17.00 -7.88
N GLY A 163 14.61 17.15 -6.60
CA GLY A 163 14.37 18.41 -5.91
C GLY A 163 15.29 19.51 -6.38
N THR A 164 16.57 19.21 -6.52
CA THR A 164 17.51 20.21 -7.02
C THR A 164 17.31 20.50 -8.50
N ILE A 165 16.72 19.56 -9.24
CA ILE A 165 16.31 19.85 -10.61
C ILE A 165 15.29 20.98 -10.63
N PHE A 166 14.20 20.82 -9.87
CA PHE A 166 13.18 21.85 -9.79
CA PHE A 166 13.18 21.87 -9.82
C PHE A 166 13.65 23.07 -9.01
N GLY A 167 14.69 22.92 -8.19
CA GLY A 167 15.24 24.07 -7.48
C GLY A 167 15.98 25.01 -8.41
N LYS A 168 16.71 24.45 -9.38
CA LYS A 168 17.27 25.26 -10.46
C LYS A 168 16.17 25.90 -11.29
N GLY A 169 15.07 25.16 -11.49
CA GLY A 169 13.97 25.64 -12.30
C GLY A 169 13.32 26.89 -11.74
N ILE A 170 13.26 27.01 -10.41
CA ILE A 170 12.71 28.24 -9.84
C ILE A 170 13.75 29.34 -9.73
N ALA A 171 15.03 29.03 -9.78
CA ALA A 171 16.02 30.10 -9.85
C ALA A 171 15.87 30.89 -11.14
N LYS A 172 15.29 30.27 -12.16
CA LYS A 172 15.08 30.90 -13.44
C LYS A 172 13.75 31.64 -13.49
N VAL A 173 12.78 31.17 -12.70
CA VAL A 173 11.45 31.73 -12.68
C VAL A 173 11.24 32.69 -11.50
N GLU A 174 12.05 32.60 -10.46
CA GLU A 174 12.02 33.55 -9.37
C GLU A 174 12.92 34.76 -9.62
N ASP A 175 13.42 34.92 -10.84
CA ASP A 175 14.18 36.11 -11.22
C ASP A 175 13.41 36.98 -12.21
N THR A 176 12.84 36.37 -13.25
CA THR A 176 12.11 37.15 -14.26
C THR A 176 10.76 37.66 -13.76
N PHE A 177 10.10 36.95 -12.85
CA PHE A 177 8.90 37.55 -12.28
C PHE A 177 9.19 38.41 -11.05
N ILE A 178 10.31 38.22 -10.37
CA ILE A 178 10.70 39.15 -9.33
C ILE A 178 11.71 40.17 -9.86
N LYS A 179 11.24 41.13 -10.69
CA LYS A 179 11.91 42.42 -10.83
C LYS A 179 10.88 43.49 -11.19
N TRP A 180 9.60 43.26 -10.94
CA TRP A 180 8.47 44.02 -11.47
C TRP A 180 7.29 43.78 -10.52
N ASN A 181 6.06 43.71 -11.05
CA ASN A 181 4.80 43.45 -10.33
C ASN A 181 4.93 42.58 -9.07
N VAL A 182 3.79 42.46 -8.37
CA VAL A 182 3.72 42.27 -6.90
C VAL A 182 4.66 41.22 -6.34
N SER A 183 5.37 41.64 -5.30
CA SER A 183 6.59 41.03 -4.77
C SER A 183 6.36 40.02 -3.66
N GLN A 184 7.38 39.86 -2.81
CA GLN A 184 7.60 38.70 -1.94
C GLN A 184 6.46 38.40 -0.98
N THR A 185 6.52 37.16 -0.47
CA THR A 185 5.66 36.40 0.43
C THR A 185 4.36 35.91 -0.17
N LYS A 186 3.96 36.40 -1.35
CA LYS A 186 2.85 35.78 -2.11
C LYS A 186 3.35 34.96 -3.27
N ILE A 187 4.57 35.24 -3.75
CA ILE A 187 5.09 34.50 -4.90
C ILE A 187 5.48 33.09 -4.50
N ARG A 188 5.71 32.85 -3.21
CA ARG A 188 5.86 31.48 -2.73
C ARG A 188 4.62 30.66 -3.03
N ILE A 189 3.45 31.32 -3.01
CA ILE A 189 2.20 30.67 -3.35
C ILE A 189 2.06 30.47 -4.86
N ILE A 190 2.74 31.29 -5.65
CA ILE A 190 2.73 31.07 -7.09
C ILE A 190 3.68 29.94 -7.45
N SER A 191 4.85 29.90 -6.83
CA SER A 191 5.83 28.87 -7.11
C SER A 191 5.29 27.48 -6.81
N THR A 192 4.68 27.31 -5.65
CA THR A 192 4.12 26.02 -5.28
C THR A 192 3.02 25.57 -6.23
N ILE A 193 2.34 26.50 -6.89
CA ILE A 193 1.36 26.11 -7.91
C ILE A 193 2.05 25.53 -9.12
N ILE A 194 3.20 26.09 -9.50
CA ILE A 194 3.90 25.64 -10.69
C ILE A 194 4.43 24.23 -10.52
N PHE A 195 4.83 23.87 -9.29
CA PHE A 195 5.24 22.49 -9.02
C PHE A 195 4.08 21.53 -9.21
N ILE A 196 2.93 21.86 -8.63
CA ILE A 196 1.77 20.97 -8.71
C ILE A 196 1.24 20.91 -10.13
N LEU A 197 1.23 22.03 -10.85
CA LEU A 197 0.68 22.02 -12.20
C LEU A 197 1.60 21.28 -13.18
N PHE A 198 2.86 21.70 -13.30
CA PHE A 198 3.80 20.93 -14.12
C PHE A 198 3.98 19.52 -13.60
N GLY A 199 3.95 19.31 -12.29
CA GLY A 199 4.07 17.97 -11.76
C GLY A 199 2.94 17.05 -12.17
N CYS A 200 1.69 17.57 -12.13
CA CYS A 200 0.56 16.79 -12.62
C CYS A 200 0.73 16.44 -14.10
N VAL A 201 1.25 17.37 -14.90
CA VAL A 201 1.39 17.09 -16.32
C VAL A 201 2.43 16.01 -16.55
N LEU A 202 3.62 16.16 -15.96
CA LEU A 202 4.68 15.18 -16.15
C LEU A 202 4.32 13.82 -15.56
N PHE A 203 3.72 13.80 -14.38
CA PHE A 203 3.63 12.54 -13.65
C PHE A 203 2.22 12.00 -13.50
N VAL A 204 1.20 12.74 -13.92
CA VAL A 204 -0.16 12.24 -13.83
C VAL A 204 -0.79 12.26 -15.22
N ALA A 205 -0.88 13.44 -15.83
CA ALA A 205 -1.57 13.62 -17.09
C ALA A 205 -0.91 12.83 -18.22
N LEU A 206 0.33 13.20 -18.55
CA LEU A 206 1.08 12.54 -19.61
C LEU A 206 1.07 11.02 -19.50
N PRO A 207 1.40 10.42 -18.35
CA PRO A 207 1.35 8.95 -18.28
C PRO A 207 -0.05 8.38 -18.33
N ALA A 208 -1.06 9.07 -17.78
CA ALA A 208 -2.42 8.58 -17.91
C ALA A 208 -2.84 8.51 -19.37
N VAL A 209 -2.45 9.51 -20.18
CA VAL A 209 -2.77 9.51 -21.60
C VAL A 209 -2.10 8.33 -22.28
N ILE A 210 -0.84 8.08 -21.94
CA ILE A 210 -0.13 6.90 -22.43
C ILE A 210 -0.89 5.63 -22.07
N PHE A 211 -1.31 5.50 -20.79
CA PHE A 211 -1.97 4.25 -20.40
C PHE A 211 -3.30 4.07 -21.09
N LYS A 212 -4.07 5.15 -21.23
CA LYS A 212 -5.33 5.10 -21.97
C LYS A 212 -5.18 4.39 -23.30
N HIS A 213 -4.19 4.80 -24.10
CA HIS A 213 -3.95 4.16 -25.39
C HIS A 213 -3.38 2.77 -25.26
N ILE A 214 -2.34 2.59 -24.44
CA ILE A 214 -1.64 1.31 -24.43
C ILE A 214 -2.43 0.25 -23.69
N GLU A 215 -3.00 0.58 -22.54
CA GLU A 215 -3.75 -0.42 -21.77
C GLU A 215 -5.21 -0.54 -22.19
N GLY A 216 -5.79 0.49 -22.80
CA GLY A 216 -7.20 0.48 -23.14
C GLY A 216 -8.13 0.95 -22.04
N TRP A 217 -7.58 1.56 -21.00
CA TRP A 217 -8.37 2.07 -19.89
C TRP A 217 -9.06 3.38 -20.30
N SER A 218 -10.16 3.68 -19.64
CA SER A 218 -10.82 4.96 -19.91
C SER A 218 -9.94 6.11 -19.41
N ALA A 219 -10.40 7.35 -19.62
CA ALA A 219 -9.70 8.50 -19.05
C ALA A 219 -9.57 8.34 -17.54
N LEU A 220 -10.71 8.23 -16.86
CA LEU A 220 -10.73 8.15 -15.40
C LEU A 220 -9.88 7.00 -14.88
N ASP A 221 -10.01 5.81 -15.47
CA ASP A 221 -9.32 4.65 -14.91
C ASP A 221 -7.82 4.86 -14.87
N ALA A 222 -7.27 5.47 -15.92
CA ALA A 222 -5.83 5.70 -15.98
C ALA A 222 -5.36 6.63 -14.88
N ILE A 223 -6.03 7.77 -14.73
CA ILE A 223 -5.71 8.71 -13.66
C ILE A 223 -5.84 8.01 -12.31
N TYR A 224 -6.96 7.33 -12.11
CA TYR A 224 -7.15 6.47 -10.95
C TYR A 224 -5.95 5.55 -10.71
N PHE A 225 -5.59 4.77 -11.72
CA PHE A 225 -4.44 3.88 -11.57
C PHE A 225 -3.17 4.63 -11.18
N VAL A 226 -2.92 5.78 -11.79
CA VAL A 226 -1.77 6.62 -11.39
C VAL A 226 -1.79 6.85 -9.89
N VAL A 227 -2.90 7.42 -9.40
CA VAL A 227 -2.97 7.87 -8.01
C VAL A 227 -2.86 6.69 -7.06
N ILE A 228 -3.72 5.69 -7.25
CA ILE A 228 -3.70 4.48 -6.42
C ILE A 228 -2.29 3.92 -6.35
N THR A 229 -1.59 3.89 -7.48
CA THR A 229 -0.27 3.28 -7.50
C THR A 229 0.81 4.21 -6.94
N LEU A 230 0.77 5.52 -7.28
CA LEU A 230 1.83 6.40 -6.79
C LEU A 230 1.70 6.71 -5.31
N THR A 231 0.48 6.70 -4.77
CA THR A 231 0.36 6.75 -3.31
C THR A 231 0.83 5.46 -2.66
N THR A 232 1.01 4.40 -3.43
CA THR A 232 1.35 3.05 -2.97
C THR A 232 0.18 2.39 -2.26
N ILE A 233 -1.03 2.92 -2.43
CA ILE A 233 -2.21 2.19 -2.02
C ILE A 233 -2.20 0.85 -2.73
N GLY A 234 -2.19 0.89 -4.07
CA GLY A 234 -2.01 -0.31 -4.87
C GLY A 234 -3.04 -1.41 -4.63
N PHE A 235 -4.32 -1.05 -4.68
CA PHE A 235 -5.39 -2.02 -4.81
C PHE A 235 -5.01 -3.14 -5.75
N GLY A 236 -4.56 -2.79 -6.95
CA GLY A 236 -4.39 -3.78 -7.99
C GLY A 236 -5.70 -4.22 -8.63
N ASP A 237 -6.70 -3.34 -8.68
CA ASP A 237 -7.82 -3.59 -9.58
C ASP A 237 -7.45 -3.24 -11.02
N TYR A 238 -6.38 -2.47 -11.20
CA TYR A 238 -5.79 -2.13 -12.50
C TYR A 238 -4.28 -2.25 -12.38
N VAL A 239 -3.64 -2.81 -13.41
CA VAL A 239 -2.19 -2.98 -13.42
C VAL A 239 -1.66 -2.64 -14.81
N ALA A 240 -0.55 -1.88 -14.84
CA ALA A 240 0.10 -1.52 -16.10
C ALA A 240 1.00 -2.67 -16.53
N GLY A 241 0.61 -3.36 -17.61
CA GLY A 241 1.31 -4.53 -18.10
C GLY A 241 0.61 -5.84 -17.80
N GLY A 242 -0.48 -5.81 -17.03
CA GLY A 242 -1.01 -7.02 -16.44
C GLY A 242 -1.81 -7.91 -17.38
N SER A 243 -2.31 -7.35 -18.47
CA SER A 243 -3.13 -8.11 -19.41
C SER A 243 -2.27 -8.64 -20.55
N ASP A 244 -2.87 -9.51 -21.38
CA ASP A 244 -2.11 -10.23 -22.41
C ASP A 244 -2.18 -9.46 -23.73
N ILE A 245 -1.36 -8.40 -23.82
CA ILE A 245 -1.29 -7.56 -25.01
C ILE A 245 0.11 -7.73 -25.60
N GLU A 246 0.32 -7.19 -26.80
CA GLU A 246 1.71 -6.96 -27.22
C GLU A 246 2.14 -5.65 -26.59
N TYR A 247 3.20 -5.67 -25.81
CA TYR A 247 3.76 -4.43 -25.30
C TYR A 247 5.06 -4.15 -26.04
N LEU A 248 5.20 -2.90 -26.49
CA LEU A 248 6.45 -2.50 -27.12
C LEU A 248 7.55 -2.56 -26.08
N ASP A 249 8.69 -3.16 -26.44
CA ASP A 249 9.71 -3.48 -25.46
C ASP A 249 10.23 -2.25 -24.71
N PHE A 250 9.77 -1.05 -25.08
CA PHE A 250 10.18 0.15 -24.36
C PHE A 250 9.17 0.55 -23.28
N TYR A 251 7.94 0.05 -23.37
CA TYR A 251 6.85 0.45 -22.48
C TYR A 251 7.06 0.13 -21.02
N LYS A 252 7.05 -1.17 -20.68
CA LYS A 252 7.17 -1.56 -19.27
C LYS A 252 8.38 -0.95 -18.59
N PRO A 253 9.57 -0.92 -19.19
CA PRO A 253 10.69 -0.24 -18.52
C PRO A 253 10.53 1.27 -18.40
N VAL A 254 9.80 1.93 -19.30
CA VAL A 254 9.46 3.33 -19.06
C VAL A 254 8.56 3.47 -17.84
N VAL A 255 7.69 2.49 -17.63
CA VAL A 255 6.77 2.57 -16.49
C VAL A 255 7.52 2.39 -15.17
N TRP A 256 8.53 1.51 -15.15
CA TRP A 256 9.45 1.45 -14.01
C TRP A 256 10.03 2.81 -13.67
N PHE A 257 10.62 3.48 -14.65
CA PHE A 257 11.18 4.80 -14.42
C PHE A 257 10.12 5.78 -13.92
N TRP A 258 8.93 5.73 -14.52
CA TRP A 258 7.82 6.55 -14.05
C TRP A 258 7.53 6.32 -12.58
N ILE A 259 7.38 5.06 -12.16
CA ILE A 259 7.19 4.76 -10.74
C ILE A 259 8.34 5.31 -9.91
N LEU A 260 9.57 4.93 -10.26
CA LEU A 260 10.74 5.36 -9.51
C LEU A 260 10.71 6.86 -9.26
N VAL A 261 10.40 7.63 -10.30
CA VAL A 261 10.35 9.07 -10.17
C VAL A 261 9.03 9.52 -9.54
N GLY A 262 7.92 8.95 -10.02
CA GLY A 262 6.59 9.38 -9.59
C GLY A 262 6.27 9.08 -8.13
N LEU A 263 6.91 8.08 -7.54
CA LEU A 263 6.76 7.89 -6.09
C LEU A 263 7.40 9.04 -5.35
N ALA A 264 8.62 9.40 -5.73
CA ALA A 264 9.28 10.54 -5.12
C ALA A 264 8.49 11.82 -5.32
N TYR A 265 7.74 11.92 -6.43
CA TYR A 265 6.87 13.08 -6.60
C TYR A 265 5.70 13.05 -5.62
N PHE A 266 4.87 12.01 -5.64
CA PHE A 266 3.75 12.00 -4.70
C PHE A 266 4.21 12.17 -3.26
N ALA A 267 5.35 11.55 -2.91
CA ALA A 267 5.86 11.68 -1.55
C ALA A 267 5.89 13.15 -1.14
N ALA A 268 6.50 14.00 -1.98
CA ALA A 268 6.47 15.43 -1.72
C ALA A 268 5.04 15.98 -1.80
N VAL A 269 4.27 15.51 -2.79
CA VAL A 269 2.90 15.99 -2.94
C VAL A 269 2.10 15.71 -1.68
N LEU A 270 2.08 14.44 -1.25
CA LEU A 270 1.41 14.07 0.00
C LEU A 270 1.92 14.91 1.16
N SER A 271 3.25 15.05 1.28
CA SER A 271 3.84 15.83 2.36
C SER A 271 3.42 17.29 2.30
N MET A 272 3.38 17.86 1.10
CA MET A 272 2.91 19.24 0.93
C MET A 272 1.47 19.39 1.41
N ILE A 273 0.62 18.44 1.05
CA ILE A 273 -0.74 18.41 1.60
C ILE A 273 -0.69 18.34 3.12
N GLY A 274 0.22 17.53 3.64
CA GLY A 274 0.50 17.46 5.06
C GLY A 274 0.63 18.82 5.72
N ASP A 275 1.57 19.64 5.26
CA ASP A 275 1.75 20.94 5.89
C ASP A 275 0.53 21.83 5.71
N TRP A 276 -0.17 21.70 4.59
CA TRP A 276 -1.40 22.48 4.40
C TRP A 276 -2.42 22.15 5.49
N LEU A 277 -2.50 20.89 5.89
CA LEU A 277 -3.41 20.52 6.98
C LEU A 277 -2.97 21.18 8.28
N ARG A 278 -1.67 21.09 8.59
CA ARG A 278 -1.12 21.80 9.73
C ARG A 278 -1.54 23.26 9.74
N VAL A 279 -1.48 23.92 8.57
CA VAL A 279 -1.85 25.32 8.49
C VAL A 279 -3.34 25.51 8.74
N ILE A 280 -4.16 24.72 8.05
CA ILE A 280 -5.61 24.76 8.25
C ILE A 280 -5.97 24.50 9.71
N ALA A 281 -5.27 23.55 10.34
CA ALA A 281 -5.59 23.20 11.72
C ALA A 281 -5.27 24.34 12.69
N LYS A 282 -4.24 25.13 12.39
CA LYS A 282 -3.94 26.29 13.24
C LYS A 282 -5.01 27.35 13.09
N LYS A 283 -5.25 27.78 11.84
CA LYS A 283 -6.25 28.81 11.54
C LYS A 283 -7.61 28.46 12.13
N THR A 284 -8.06 27.21 11.95
CA THR A 284 -9.36 26.80 12.45
C THR A 284 -9.41 26.78 13.98
N LYS A 285 -8.37 26.26 14.62
CA LYS A 285 -8.33 26.19 16.08
C LYS A 285 -8.41 27.59 16.70
N GLU A 286 -7.66 28.54 16.15
CA GLU A 286 -7.73 29.90 16.66
C GLU A 286 -9.03 30.59 16.24
N ALA A 287 -9.61 30.17 15.11
CA ALA A 287 -10.87 30.76 14.67
C ALA A 287 -12.03 30.33 15.54
N VAL A 288 -12.01 29.07 16.01
CA VAL A 288 -12.94 28.66 17.05
C VAL A 288 -12.76 29.55 18.28
N GLY A 289 -11.50 29.80 18.67
CA GLY A 289 -11.23 30.67 19.80
C GLY A 289 -11.81 32.06 19.62
N GLU A 290 -11.84 32.54 18.38
CA GLU A 290 -12.45 33.83 18.10
C GLU A 290 -13.96 33.79 18.33
N PHE A 291 -14.63 32.80 17.75
CA PHE A 291 -16.05 32.59 18.00
C PHE A 291 -16.38 32.46 19.48
N ARG A 292 -15.47 31.87 20.26
CA ARG A 292 -15.68 31.78 21.70
C ARG A 292 -15.60 33.16 22.36
N ALA A 293 -14.51 33.89 22.12
CA ALA A 293 -14.31 35.17 22.76
C ALA A 293 -15.32 36.24 22.36
N HIS A 294 -16.15 35.97 21.34
CA HIS A 294 -17.21 36.91 20.95
C HIS A 294 -18.61 36.46 21.34
N ALA A 295 -18.77 35.24 21.82
CA ALA A 295 -20.03 34.89 22.45
C ALA A 295 -19.99 35.23 23.93
N ALA A 296 -18.82 35.04 24.55
CA ALA A 296 -18.61 35.49 25.93
C ALA A 296 -18.97 36.97 26.09
N GLU A 297 -18.30 37.84 25.35
CA GLU A 297 -18.54 39.25 25.60
C GLU A 297 -19.80 39.75 24.89
N TRP A 298 -20.46 38.89 24.11
CA TRP A 298 -21.82 39.17 23.66
C TRP A 298 -22.83 38.82 24.74
N THR A 299 -22.50 37.86 25.60
CA THR A 299 -23.40 37.40 26.65
C THR A 299 -23.14 38.07 27.99
N ALA A 300 -21.92 38.56 28.23
CA ALA A 300 -21.70 39.49 29.34
C ALA A 300 -22.64 40.67 29.22
N ASN A 301 -22.96 41.03 27.99
CA ASN A 301 -23.72 42.23 27.71
C ASN A 301 -25.22 41.93 27.84
N VAL A 302 -25.81 42.45 28.91
CA VAL A 302 -27.14 42.07 29.36
C VAL A 302 -28.05 43.28 29.37
N GLU B 15 22.98 28.43 -1.33
CA GLU B 15 21.89 27.72 -1.98
C GLU B 15 22.35 26.72 -3.04
N SER B 16 22.81 25.54 -2.61
CA SER B 16 22.99 24.39 -3.51
C SER B 16 24.11 24.46 -4.56
N ASP B 17 25.34 24.03 -4.20
CA ASP B 17 26.47 23.92 -5.10
C ASP B 17 26.47 22.63 -5.91
N SER B 18 27.30 22.62 -6.98
CA SER B 18 27.53 21.44 -7.81
C SER B 18 28.58 20.49 -7.25
N ALA B 19 29.43 20.97 -6.35
CA ALA B 19 30.45 20.10 -5.77
C ALA B 19 29.82 19.05 -4.85
N ILE B 20 28.80 19.44 -4.09
CA ILE B 20 28.15 18.46 -3.24
C ILE B 20 27.13 17.64 -4.00
N ASN B 21 26.54 18.18 -5.07
CA ASN B 21 25.52 17.40 -5.76
C ASN B 21 26.16 16.32 -6.62
N VAL B 22 27.40 16.52 -7.04
CA VAL B 22 28.11 15.45 -7.74
C VAL B 22 28.48 14.35 -6.77
N MET B 23 28.74 14.70 -5.52
CA MET B 23 28.96 13.68 -4.50
C MET B 23 27.68 12.91 -4.20
N LYS B 24 26.54 13.60 -4.26
CA LYS B 24 25.26 12.95 -4.04
C LYS B 24 24.89 12.03 -5.20
N TRP B 25 24.90 12.56 -6.43
CA TRP B 25 24.51 11.75 -7.57
C TRP B 25 25.39 10.51 -7.71
N LYS B 26 26.63 10.58 -7.22
CA LYS B 26 27.46 9.38 -7.14
C LYS B 26 26.84 8.37 -6.18
N THR B 27 26.30 8.84 -5.06
CA THR B 27 25.75 7.91 -4.09
C THR B 27 24.38 7.40 -4.52
N VAL B 28 23.59 8.24 -5.17
CA VAL B 28 22.29 7.82 -5.70
C VAL B 28 22.48 6.67 -6.67
N SER B 29 23.35 6.86 -7.66
CA SER B 29 23.50 5.90 -8.75
C SER B 29 23.95 4.54 -8.24
N THR B 30 24.89 4.50 -7.30
CA THR B 30 25.36 3.22 -6.78
C THR B 30 24.24 2.46 -6.08
N ILE B 31 23.48 3.15 -5.23
CA ILE B 31 22.31 2.54 -4.59
C ILE B 31 21.37 2.00 -5.66
N PHE B 32 21.03 2.85 -6.63
CA PHE B 32 20.16 2.46 -7.74
C PHE B 32 20.55 1.13 -8.34
N LEU B 33 21.84 0.96 -8.65
CA LEU B 33 22.29 -0.30 -9.22
C LEU B 33 22.23 -1.42 -8.19
N VAL B 34 22.41 -1.11 -6.92
CA VAL B 34 22.16 -2.08 -5.86
C VAL B 34 20.70 -2.52 -5.88
N VAL B 35 19.80 -1.54 -5.95
CA VAL B 35 18.38 -1.83 -6.06
C VAL B 35 18.09 -2.68 -7.30
N VAL B 36 18.61 -2.25 -8.45
CA VAL B 36 18.45 -3.03 -9.68
C VAL B 36 18.88 -4.48 -9.44
N LEU B 37 20.05 -4.66 -8.82
CA LEU B 37 20.56 -6.01 -8.63
C LEU B 37 19.80 -6.75 -7.53
N TYR B 38 19.34 -6.03 -6.50
CA TYR B 38 18.51 -6.65 -5.48
C TYR B 38 17.19 -7.15 -6.05
N LEU B 39 16.63 -6.40 -6.99
CA LEU B 39 15.46 -6.87 -7.73
C LEU B 39 15.77 -8.13 -8.51
N ILE B 40 16.88 -8.12 -9.25
CA ILE B 40 17.25 -9.26 -10.10
C ILE B 40 17.41 -10.53 -9.27
N ILE B 41 18.21 -10.45 -8.20
CA ILE B 41 18.33 -11.58 -7.29
C ILE B 41 16.96 -12.01 -6.78
N GLY B 42 16.15 -11.04 -6.34
CA GLY B 42 14.80 -11.31 -5.91
C GLY B 42 13.99 -12.07 -6.93
N ALA B 43 13.78 -11.46 -8.10
CA ALA B 43 13.06 -12.09 -9.21
C ALA B 43 13.44 -13.55 -9.39
N THR B 44 14.74 -13.82 -9.53
CA THR B 44 15.21 -15.18 -9.81
C THR B 44 14.91 -16.13 -8.66
N VAL B 45 14.89 -15.65 -7.43
CA VAL B 45 14.52 -16.56 -6.35
C VAL B 45 13.02 -16.82 -6.35
N PHE B 46 12.22 -15.87 -6.84
CA PHE B 46 10.76 -16.06 -6.81
C PHE B 46 10.27 -16.99 -7.92
N LYS B 47 10.73 -16.82 -9.17
CA LYS B 47 10.42 -17.81 -10.21
C LYS B 47 10.96 -19.19 -9.84
N ALA B 48 12.15 -19.23 -9.23
CA ALA B 48 12.67 -20.50 -8.71
C ALA B 48 11.66 -21.16 -7.79
N LEU B 49 11.05 -20.37 -6.92
CA LEU B 49 10.14 -20.90 -5.92
C LEU B 49 8.72 -21.11 -6.44
N GLU B 50 8.30 -20.38 -7.47
CA GLU B 50 6.89 -20.33 -7.83
C GLU B 50 6.57 -20.87 -9.22
N GLN B 51 7.48 -20.74 -10.19
CA GLN B 51 7.32 -21.36 -11.50
C GLN B 51 6.91 -22.83 -11.42
N PRO B 52 7.58 -23.69 -10.64
CA PRO B 52 7.22 -25.12 -10.65
C PRO B 52 5.78 -25.35 -10.28
N GLN B 53 5.40 -24.77 -9.14
CA GLN B 53 4.07 -24.95 -8.56
C GLN B 53 3.01 -24.26 -9.39
N GLU B 54 3.41 -23.28 -10.22
CA GLU B 54 2.54 -22.72 -11.26
C GLU B 54 2.33 -23.68 -12.43
N ILE B 55 3.35 -24.44 -12.81
CA ILE B 55 3.18 -25.41 -13.90
C ILE B 55 2.24 -26.53 -13.47
N SER B 56 2.52 -27.13 -12.31
CA SER B 56 1.75 -28.30 -11.87
C SER B 56 0.29 -27.96 -11.58
N GLN B 57 0.02 -26.75 -11.11
CA GLN B 57 -1.36 -26.33 -11.02
C GLN B 57 -1.95 -26.03 -12.38
N ARG B 58 -1.09 -25.74 -13.35
CA ARG B 58 -1.62 -25.30 -14.63
C ARG B 58 -1.74 -26.43 -15.64
N THR B 59 -1.02 -27.53 -15.44
CA THR B 59 -1.32 -28.78 -16.16
C THR B 59 -2.56 -29.48 -15.59
N THR B 60 -2.71 -29.49 -14.26
CA THR B 60 -3.89 -30.13 -13.68
C THR B 60 -5.15 -29.30 -13.79
N ILE B 61 -5.04 -28.04 -14.19
CA ILE B 61 -6.26 -27.28 -14.50
C ILE B 61 -6.69 -27.54 -15.93
N VAL B 62 -5.75 -27.93 -16.79
CA VAL B 62 -6.12 -28.38 -18.12
C VAL B 62 -6.66 -29.80 -18.07
N ILE B 63 -6.23 -30.57 -17.07
CA ILE B 63 -6.83 -31.88 -16.83
C ILE B 63 -8.30 -31.73 -16.42
N GLN B 64 -8.56 -30.94 -15.39
CA GLN B 64 -9.94 -30.70 -14.97
C GLN B 64 -10.78 -30.16 -16.13
N ARG B 65 -10.15 -29.39 -17.03
CA ARG B 65 -10.87 -28.79 -18.15
C ARG B 65 -11.39 -29.86 -19.12
N GLU B 66 -10.50 -30.69 -19.67
CA GLU B 66 -10.96 -31.64 -20.67
C GLU B 66 -11.97 -32.64 -20.12
N LYS B 67 -11.94 -32.93 -18.83
CA LYS B 67 -12.93 -33.84 -18.28
C LYS B 67 -14.33 -33.21 -18.25
N PHE B 68 -14.45 -31.92 -18.50
CA PHE B 68 -15.76 -31.36 -18.80
C PHE B 68 -15.71 -30.43 -20.01
N LEU B 69 -14.72 -30.62 -20.88
CA LEU B 69 -14.88 -30.25 -22.28
C LEU B 69 -15.63 -31.32 -23.04
N ARG B 70 -15.15 -32.56 -22.96
CA ARG B 70 -15.70 -33.66 -23.74
C ARG B 70 -16.74 -34.47 -22.98
N ALA B 71 -16.93 -34.20 -21.68
CA ALA B 71 -18.09 -34.75 -20.98
C ALA B 71 -19.36 -33.98 -21.28
N HIS B 72 -19.27 -32.88 -22.02
CA HIS B 72 -20.44 -32.10 -22.44
C HIS B 72 -20.10 -31.40 -23.75
N PRO B 73 -20.05 -32.14 -24.86
CA PRO B 73 -19.80 -31.48 -26.15
C PRO B 73 -20.98 -30.65 -26.63
N CYS B 74 -22.15 -30.84 -26.02
CA CYS B 74 -23.32 -30.02 -26.31
C CYS B 74 -23.12 -28.56 -25.93
N VAL B 75 -22.19 -28.27 -25.02
CA VAL B 75 -21.87 -26.90 -24.68
C VAL B 75 -20.91 -26.35 -25.73
N SER B 76 -21.24 -25.18 -26.29
CA SER B 76 -20.58 -24.58 -27.45
C SER B 76 -19.06 -24.69 -27.39
N ASP B 77 -18.51 -24.58 -26.19
CA ASP B 77 -17.13 -24.90 -25.85
C ASP B 77 -16.16 -23.83 -26.34
N GLN B 78 -16.62 -22.96 -27.23
CA GLN B 78 -16.09 -21.60 -27.28
C GLN B 78 -16.64 -20.79 -26.13
N GLU B 79 -17.86 -21.10 -25.74
CA GLU B 79 -18.65 -20.38 -24.75
C GLU B 79 -18.38 -20.88 -23.35
N LEU B 80 -17.55 -21.90 -23.18
CA LEU B 80 -17.08 -22.27 -21.85
C LEU B 80 -15.91 -21.41 -21.43
N ASP B 81 -15.06 -21.05 -22.39
CA ASP B 81 -13.95 -20.18 -22.10
C ASP B 81 -14.45 -18.74 -21.98
N GLU B 82 -15.60 -18.46 -22.61
CA GLU B 82 -16.32 -17.20 -22.40
C GLU B 82 -17.05 -17.18 -21.06
N LEU B 83 -17.59 -18.32 -20.64
CA LEU B 83 -18.24 -18.42 -19.34
C LEU B 83 -17.27 -18.05 -18.22
N ILE B 84 -16.10 -18.68 -18.21
CA ILE B 84 -15.10 -18.41 -17.18
C ILE B 84 -14.64 -16.96 -17.22
N GLN B 85 -14.61 -16.36 -18.41
CA GLN B 85 -14.38 -14.92 -18.50
C GLN B 85 -15.47 -14.13 -17.80
N GLN B 86 -16.71 -14.59 -17.87
CA GLN B 86 -17.81 -13.86 -17.26
C GLN B 86 -17.83 -14.03 -15.75
N ILE B 87 -17.25 -15.11 -15.26
CA ILE B 87 -17.22 -15.40 -13.83
C ILE B 87 -16.09 -14.65 -13.14
N VAL B 88 -14.89 -14.79 -13.68
CA VAL B 88 -13.71 -14.17 -13.07
C VAL B 88 -13.81 -12.65 -13.17
N ALA B 89 -14.36 -12.13 -14.26
CA ALA B 89 -14.60 -10.68 -14.34
C ALA B 89 -15.54 -10.22 -13.23
N ALA B 90 -16.55 -11.02 -12.92
CA ALA B 90 -17.52 -10.65 -11.90
C ALA B 90 -17.10 -11.06 -10.51
N ILE B 91 -16.09 -11.90 -10.38
CA ILE B 91 -15.62 -12.29 -9.06
C ILE B 91 -14.78 -11.19 -8.43
N ASN B 92 -14.31 -10.20 -9.20
CA ASN B 92 -13.48 -9.16 -8.62
C ASN B 92 -14.31 -7.98 -8.07
N ALA B 93 -15.62 -7.99 -8.27
CA ALA B 93 -16.53 -7.21 -7.44
C ALA B 93 -16.96 -8.01 -6.21
N GLY B 94 -17.03 -9.31 -6.37
CA GLY B 94 -17.20 -10.28 -5.31
C GLY B 94 -18.58 -10.90 -5.37
N ILE B 95 -18.70 -12.03 -6.07
CA ILE B 95 -19.98 -12.67 -6.31
C ILE B 95 -19.97 -14.06 -5.73
N ILE B 96 -21.14 -14.49 -5.25
CA ILE B 96 -21.34 -15.87 -4.83
C ILE B 96 -22.39 -16.46 -5.76
N PRO B 97 -22.03 -16.81 -6.99
CA PRO B 97 -23.04 -17.25 -7.96
C PRO B 97 -23.44 -18.71 -7.81
N LEU B 98 -24.38 -19.00 -6.92
CA LEU B 98 -24.79 -20.38 -6.69
C LEU B 98 -26.28 -20.43 -6.37
N GLY B 99 -26.78 -21.66 -6.26
CA GLY B 99 -28.18 -21.88 -6.00
C GLY B 99 -28.46 -22.48 -4.64
N ALA B 100 -27.50 -23.23 -4.09
CA ALA B 100 -27.58 -23.67 -2.72
C ALA B 100 -27.04 -22.63 -1.74
N SER B 101 -26.57 -21.50 -2.25
CA SER B 101 -26.45 -20.29 -1.46
C SER B 101 -26.56 -19.08 -2.37
N SER B 102 -27.80 -18.62 -2.63
CA SER B 102 -28.00 -17.57 -3.61
C SER B 102 -28.15 -16.20 -2.96
N ASN B 103 -28.46 -16.16 -1.68
CA ASN B 103 -28.48 -14.91 -0.93
C ASN B 103 -27.08 -14.58 -0.45
N GLN B 104 -26.82 -13.29 -0.25
CA GLN B 104 -25.46 -12.79 -0.42
C GLN B 104 -25.22 -11.60 0.49
N VAL B 105 -24.32 -11.76 1.46
CA VAL B 105 -23.96 -10.66 2.35
C VAL B 105 -23.31 -9.54 1.53
N SER B 106 -23.51 -8.30 1.99
CA SER B 106 -23.06 -7.13 1.26
C SER B 106 -21.57 -6.89 1.45
N HIS B 107 -20.91 -6.46 0.38
CA HIS B 107 -19.50 -6.06 0.46
C HIS B 107 -19.31 -4.59 0.79
N TRP B 108 -20.27 -3.75 0.45
CA TRP B 108 -20.17 -2.32 0.73
C TRP B 108 -21.15 -1.93 1.82
N ASP B 109 -21.30 -2.81 2.80
CA ASP B 109 -22.25 -2.57 3.87
C ASP B 109 -21.74 -1.43 4.76
N LEU B 110 -22.50 -1.15 5.81
CA LEU B 110 -22.17 -0.13 6.79
C LEU B 110 -20.69 -0.09 7.17
N GLY B 111 -20.08 -1.26 7.41
CA GLY B 111 -18.78 -1.33 8.04
C GLY B 111 -17.67 -1.82 7.15
N SER B 112 -18.00 -2.51 6.05
CA SER B 112 -16.95 -2.89 5.12
C SER B 112 -16.47 -1.69 4.32
N SER B 113 -17.35 -0.73 4.10
CA SER B 113 -16.92 0.55 3.53
C SER B 113 -16.07 1.34 4.52
N PHE B 114 -16.29 1.14 5.83
CA PHE B 114 -15.39 1.71 6.83
C PHE B 114 -14.02 1.04 6.75
N PHE B 115 -14.01 -0.30 6.68
CA PHE B 115 -12.79 -1.05 6.41
C PHE B 115 -12.09 -0.54 5.15
N PHE B 116 -12.84 -0.38 4.06
CA PHE B 116 -12.22 0.06 2.81
C PHE B 116 -11.54 1.41 2.97
N ALA B 117 -12.26 2.39 3.52
CA ALA B 117 -11.64 3.68 3.82
C ALA B 117 -10.37 3.50 4.64
N GLY B 118 -10.31 2.46 5.47
CA GLY B 118 -9.08 2.14 6.17
C GLY B 118 -7.96 1.73 5.24
N THR B 119 -8.25 0.84 4.29
CA THR B 119 -7.21 0.39 3.36
C THR B 119 -6.65 1.54 2.54
N VAL B 120 -7.43 2.60 2.36
CA VAL B 120 -6.97 3.74 1.58
C VAL B 120 -5.98 4.57 2.39
N ILE B 121 -6.41 5.10 3.52
CA ILE B 121 -5.63 6.11 4.21
C ILE B 121 -4.42 5.54 4.92
N THR B 122 -4.36 4.22 5.11
CA THR B 122 -3.14 3.57 5.56
C THR B 122 -2.28 3.08 4.41
N THR B 123 -2.80 3.13 3.19
CA THR B 123 -2.16 2.57 1.99
C THR B 123 -1.71 1.14 2.22
N ILE B 124 -2.44 0.42 3.05
CA ILE B 124 -2.35 -1.04 2.98
C ILE B 124 -2.96 -1.53 1.68
N GLY B 125 -4.17 -1.06 1.38
CA GLY B 125 -4.84 -1.33 0.12
C GLY B 125 -4.90 -2.80 -0.23
N PHE B 126 -5.61 -3.60 0.59
CA PHE B 126 -5.80 -5.00 0.26
C PHE B 126 -6.46 -5.15 -1.11
N GLY B 127 -7.51 -4.39 -1.36
CA GLY B 127 -8.08 -4.37 -2.68
C GLY B 127 -8.94 -5.58 -3.05
N ASN B 128 -9.23 -6.49 -2.11
CA ASN B 128 -10.32 -7.41 -2.37
C ASN B 128 -11.56 -6.61 -2.75
N ILE B 129 -11.73 -5.47 -2.09
CA ILE B 129 -12.79 -4.53 -2.38
C ILE B 129 -12.15 -3.27 -2.93
N SER B 130 -12.67 -2.78 -4.05
CA SER B 130 -12.22 -1.54 -4.66
C SER B 130 -13.38 -0.97 -5.44
N PRO B 131 -13.44 0.35 -5.59
CA PRO B 131 -14.60 0.97 -6.25
C PRO B 131 -14.75 0.52 -7.70
N ARG B 132 -16.02 0.31 -8.12
CA ARG B 132 -16.39 0.17 -9.52
C ARG B 132 -17.04 1.42 -10.08
N THR B 133 -17.84 2.11 -9.26
CA THR B 133 -18.53 3.30 -9.71
C THR B 133 -17.50 4.33 -10.15
N GLU B 134 -17.82 5.07 -11.22
CA GLU B 134 -16.95 6.19 -11.58
C GLU B 134 -16.89 7.20 -10.45
N GLY B 135 -18.00 7.42 -9.74
CA GLY B 135 -17.97 8.31 -8.59
C GLY B 135 -17.07 7.78 -7.48
N GLY B 136 -17.15 6.47 -7.21
CA GLY B 136 -16.32 5.88 -6.17
C GLY B 136 -14.83 6.03 -6.46
N LYS B 137 -14.44 5.87 -7.72
CA LYS B 137 -13.06 6.14 -8.12
C LYS B 137 -12.69 7.59 -7.89
N ILE B 138 -13.53 8.51 -8.36
CA ILE B 138 -13.24 9.94 -8.22
C ILE B 138 -13.12 10.32 -6.75
N PHE B 139 -14.06 9.84 -5.93
CA PHE B 139 -14.00 10.09 -4.50
C PHE B 139 -12.74 9.49 -3.89
N CYS B 140 -12.43 8.24 -4.25
CA CYS B 140 -11.25 7.55 -3.70
C CYS B 140 -9.97 8.32 -3.97
N ILE B 141 -9.86 8.94 -5.15
CA ILE B 141 -8.70 9.78 -5.45
C ILE B 141 -8.65 10.97 -4.51
N ILE B 142 -9.77 11.67 -4.33
CA ILE B 142 -9.83 12.77 -3.38
C ILE B 142 -9.56 12.28 -1.98
N TYR B 143 -10.28 11.23 -1.58
CA TYR B 143 -10.17 10.69 -0.22
C TYR B 143 -8.73 10.35 0.13
N ALA B 144 -7.99 9.79 -0.83
CA ALA B 144 -6.60 9.39 -0.58
C ALA B 144 -5.68 10.59 -0.40
N LEU B 145 -5.80 11.59 -1.29
CA LEU B 145 -4.89 12.72 -1.24
C LEU B 145 -5.09 13.58 0.00
N LEU B 146 -6.23 13.43 0.67
CA LEU B 146 -6.48 14.11 1.94
C LEU B 146 -6.31 13.20 3.14
N GLY B 147 -6.60 11.90 2.98
CA GLY B 147 -6.54 10.95 4.07
C GLY B 147 -5.14 10.45 4.37
N ILE B 148 -4.39 10.10 3.33
CA ILE B 148 -3.03 9.59 3.52
C ILE B 148 -2.18 10.59 4.29
N PRO B 149 -2.21 11.92 4.00
CA PRO B 149 -1.58 12.86 4.93
C PRO B 149 -2.20 12.82 6.33
N LEU B 150 -3.53 12.95 6.42
CA LEU B 150 -4.20 13.00 7.72
C LEU B 150 -3.81 11.83 8.60
N PHE B 151 -4.06 10.60 8.13
CA PHE B 151 -3.70 9.43 8.91
C PHE B 151 -2.25 9.48 9.36
N GLY B 152 -1.38 10.01 8.51
CA GLY B 152 0.01 10.23 8.87
C GLY B 152 0.18 10.89 10.22
N PHE B 153 -0.50 12.01 10.44
CA PHE B 153 -0.37 12.71 11.72
C PHE B 153 -0.75 11.80 12.89
N LEU B 154 -1.86 11.06 12.75
CA LEU B 154 -2.25 10.11 13.78
C LEU B 154 -1.13 9.10 14.05
N LEU B 155 -0.59 8.50 12.97
CA LEU B 155 0.42 7.48 13.14
C LEU B 155 1.71 8.05 13.71
N ALA B 156 1.88 9.37 13.69
CA ALA B 156 3.02 10.00 14.36
C ALA B 156 2.77 10.14 15.85
N GLY B 157 1.60 10.65 16.23
CA GLY B 157 1.22 10.65 17.64
C GLY B 157 1.19 9.24 18.22
N VAL B 158 0.54 8.31 17.52
CA VAL B 158 0.53 6.91 17.93
C VAL B 158 1.96 6.41 18.20
N GLY B 159 2.91 6.88 17.40
CA GLY B 159 4.31 6.54 17.58
C GLY B 159 4.96 7.33 18.70
N ASP B 160 4.58 8.60 18.83
CA ASP B 160 5.06 9.44 19.92
C ASP B 160 4.73 8.84 21.28
N GLN B 161 3.44 8.69 21.58
CA GLN B 161 3.01 8.10 22.84
C GLN B 161 3.68 6.76 23.07
N LEU B 162 3.56 5.86 22.08
CA LEU B 162 4.13 4.52 22.21
C LEU B 162 5.64 4.56 22.41
N GLY B 163 6.30 5.59 21.91
CA GLY B 163 7.72 5.74 22.15
C GLY B 163 8.03 6.15 23.57
N THR B 164 7.29 7.12 24.10
CA THR B 164 7.50 7.53 25.48
C THR B 164 7.01 6.48 26.48
N ILE B 165 6.11 5.60 26.05
CA ILE B 165 5.74 4.45 26.89
C ILE B 165 6.96 3.55 27.10
N PHE B 166 7.60 3.14 26.01
CA PHE B 166 8.81 2.34 26.11
C PHE B 166 10.00 3.15 26.62
N GLY B 167 9.97 4.47 26.48
CA GLY B 167 11.04 5.28 27.05
C GLY B 167 11.03 5.27 28.58
N LYS B 168 9.84 5.30 29.17
CA LYS B 168 9.73 5.07 30.61
C LYS B 168 10.13 3.66 30.98
N GLY B 169 9.81 2.69 30.11
CA GLY B 169 10.14 1.30 30.38
C GLY B 169 11.63 1.05 30.52
N ILE B 170 12.44 1.76 29.75
CA ILE B 170 13.88 1.58 29.89
C ILE B 170 14.46 2.43 31.00
N ALA B 171 13.75 3.46 31.46
CA ALA B 171 14.20 4.17 32.65
C ALA B 171 14.19 3.25 33.87
N LYS B 172 13.34 2.22 33.85
CA LYS B 172 13.28 1.25 34.93
C LYS B 172 14.30 0.13 34.74
N VAL B 173 14.66 -0.15 33.50
CA VAL B 173 15.56 -1.27 33.19
C VAL B 173 17.00 -0.81 32.97
N GLU B 174 17.22 0.46 32.66
CA GLU B 174 18.56 1.04 32.58
C GLU B 174 19.07 1.53 33.92
N ASP B 175 18.38 1.21 35.01
CA ASP B 175 18.82 1.53 36.36
C ASP B 175 19.24 0.28 37.14
N THR B 176 18.42 -0.76 37.11
CA THR B 176 18.73 -1.97 37.86
C THR B 176 19.85 -2.79 37.23
N PHE B 177 20.07 -2.66 35.92
CA PHE B 177 21.23 -3.33 35.33
C PHE B 177 22.44 -2.41 35.26
N ILE B 178 22.57 -1.50 36.22
CA ILE B 178 23.80 -0.75 36.40
C ILE B 178 24.69 -1.47 37.41
N LYS B 179 25.43 -2.47 36.95
CA LYS B 179 26.40 -3.28 37.70
C LYS B 179 27.80 -2.68 37.54
N TRP B 180 28.77 -3.26 38.27
CA TRP B 180 30.16 -2.83 38.16
C TRP B 180 30.57 -2.98 36.70
N VAL B 182 29.03 -1.71 32.95
CA VAL B 182 28.05 -0.92 32.24
C VAL B 182 28.72 0.20 31.45
N SER B 183 28.35 0.28 30.18
CA SER B 183 28.78 1.33 29.28
C SER B 183 27.60 2.23 28.96
N GLN B 184 27.85 3.38 28.36
CA GLN B 184 26.68 4.10 27.87
C GLN B 184 26.28 3.59 26.50
N THR B 185 27.22 3.55 25.57
CA THR B 185 26.87 3.18 24.20
C THR B 185 26.66 1.68 24.02
N LYS B 186 26.88 0.87 25.04
CA LYS B 186 26.66 -0.57 24.91
C LYS B 186 25.35 -1.04 25.53
N ILE B 187 24.80 -0.30 26.48
CA ILE B 187 23.44 -0.56 26.91
C ILE B 187 22.43 -0.13 25.85
N ARG B 188 22.84 0.77 24.94
CA ARG B 188 22.02 1.02 23.75
C ARG B 188 21.76 -0.27 22.99
N ILE B 189 22.73 -1.19 23.00
CA ILE B 189 22.57 -2.47 22.31
C ILE B 189 21.71 -3.43 23.11
N ILE B 190 21.60 -3.25 24.43
CA ILE B 190 20.66 -4.05 25.19
C ILE B 190 19.24 -3.54 24.99
N SER B 191 19.06 -2.21 25.00
CA SER B 191 17.74 -1.62 24.82
C SER B 191 17.13 -2.02 23.48
N THR B 192 17.92 -1.92 22.41
CA THR B 192 17.37 -2.24 21.09
C THR B 192 16.95 -3.71 21.01
N ILE B 193 17.55 -4.59 21.80
CA ILE B 193 17.12 -5.98 21.81
C ILE B 193 15.73 -6.10 22.42
N ILE B 194 15.48 -5.41 23.53
CA ILE B 194 14.19 -5.59 24.21
C ILE B 194 13.05 -4.97 23.41
N PHE B 195 13.34 -3.96 22.58
CA PHE B 195 12.33 -3.43 21.69
C PHE B 195 11.90 -4.49 20.68
N ILE B 196 12.88 -5.11 20.01
CA ILE B 196 12.58 -6.09 18.98
C ILE B 196 11.95 -7.35 19.60
N LEU B 197 12.44 -7.78 20.76
CA LEU B 197 11.89 -8.97 21.39
C LEU B 197 10.45 -8.74 21.83
N PHE B 198 10.23 -7.79 22.74
CA PHE B 198 8.87 -7.49 23.20
C PHE B 198 7.98 -7.04 22.05
N GLY B 199 8.52 -6.25 21.11
CA GLY B 199 7.72 -5.81 19.99
C GLY B 199 7.23 -6.95 19.12
N CYS B 200 8.10 -7.92 18.85
CA CYS B 200 7.68 -9.12 18.10
C CYS B 200 6.55 -9.84 18.82
N VAL B 201 6.63 -9.95 20.15
CA VAL B 201 5.61 -10.67 20.88
C VAL B 201 4.28 -9.93 20.85
N LEU B 202 4.31 -8.63 21.14
CA LEU B 202 3.08 -7.85 21.18
C LEU B 202 2.44 -7.71 19.80
N PHE B 203 3.24 -7.47 18.77
CA PHE B 203 2.70 -7.05 17.49
C PHE B 203 2.85 -8.06 16.37
N VAL B 204 3.55 -9.16 16.60
CA VAL B 204 3.69 -10.16 15.56
C VAL B 204 3.18 -11.50 16.09
N ALA B 205 3.82 -11.99 17.15
CA ALA B 205 3.54 -13.32 17.67
C ALA B 205 2.12 -13.45 18.20
N LEU B 206 1.79 -12.69 19.25
CA LEU B 206 0.45 -12.77 19.85
C LEU B 206 -0.68 -12.54 18.85
N PRO B 207 -0.64 -11.54 17.97
CA PRO B 207 -1.73 -11.42 17.00
C PRO B 207 -1.76 -12.55 15.97
N ALA B 208 -0.61 -13.07 15.54
CA ALA B 208 -0.62 -14.21 14.64
C ALA B 208 -1.32 -15.40 15.28
N VAL B 209 -1.08 -15.63 16.57
CA VAL B 209 -1.73 -16.73 17.28
C VAL B 209 -3.23 -16.52 17.32
N ILE B 210 -3.65 -15.28 17.60
CA ILE B 210 -5.06 -14.91 17.52
C ILE B 210 -5.63 -15.24 16.15
N PHE B 211 -4.96 -14.78 15.09
CA PHE B 211 -5.50 -15.00 13.76
C PHE B 211 -5.58 -16.48 13.42
N LYS B 212 -4.59 -17.27 13.83
CA LYS B 212 -4.61 -18.69 13.53
C LYS B 212 -5.90 -19.33 14.04
N HIS B 213 -6.31 -18.96 15.24
CA HIS B 213 -7.54 -19.50 15.82
C HIS B 213 -8.77 -18.94 15.14
N ILE B 214 -8.85 -17.62 15.02
CA ILE B 214 -10.07 -16.97 14.59
C ILE B 214 -10.28 -17.08 13.09
N GLU B 215 -9.23 -16.88 12.30
CA GLU B 215 -9.36 -16.95 10.85
C GLU B 215 -9.21 -18.37 10.30
N GLY B 216 -8.54 -19.26 11.02
CA GLY B 216 -8.26 -20.59 10.53
C GLY B 216 -6.99 -20.72 9.72
N TRP B 217 -6.15 -19.69 9.71
CA TRP B 217 -4.93 -19.69 8.93
C TRP B 217 -3.88 -20.58 9.59
N SER B 218 -2.95 -21.09 8.79
CA SER B 218 -1.85 -21.85 9.38
C SER B 218 -0.96 -20.91 10.18
N ALA B 219 0.09 -21.49 10.79
CA ALA B 219 1.07 -20.67 11.49
C ALA B 219 1.71 -19.65 10.55
N LEU B 220 2.32 -20.15 9.47
CA LEU B 220 3.01 -19.27 8.53
C LEU B 220 2.10 -18.20 7.96
N ASP B 221 0.90 -18.58 7.52
CA ASP B 221 0.02 -17.62 6.86
C ASP B 221 -0.24 -16.42 7.75
N ALA B 222 -0.47 -16.66 9.04
CA ALA B 222 -0.80 -15.57 9.96
C ALA B 222 0.35 -14.59 10.09
N ILE B 223 1.55 -15.09 10.38
CA ILE B 223 2.74 -14.25 10.45
C ILE B 223 2.92 -13.49 9.14
N TYR B 224 2.84 -14.21 8.03
CA TYR B 224 2.85 -13.62 6.70
C TYR B 224 1.86 -12.46 6.59
N PHE B 225 0.59 -12.73 6.92
CA PHE B 225 -0.42 -11.67 6.86
C PHE B 225 -0.05 -10.46 7.72
N VAL B 226 0.48 -10.71 8.93
CA VAL B 226 0.95 -9.61 9.77
C VAL B 226 1.94 -8.75 9.02
N VAL B 227 3.00 -9.38 8.51
CA VAL B 227 4.11 -8.63 7.91
C VAL B 227 3.64 -7.89 6.67
N ILE B 228 3.02 -8.62 5.74
CA ILE B 228 2.47 -8.05 4.51
C ILE B 228 1.64 -6.81 4.81
N THR B 229 0.81 -6.90 5.85
CA THR B 229 -0.10 -5.81 6.17
C THR B 229 0.59 -4.70 6.95
N LEU B 230 1.46 -5.03 7.91
CA LEU B 230 2.09 -3.98 8.70
C LEU B 230 3.15 -3.21 7.92
N THR B 231 3.81 -3.84 6.95
CA THR B 231 4.64 -3.08 6.03
C THR B 231 3.83 -2.22 5.09
N THR B 232 2.51 -2.46 5.01
CA THR B 232 1.58 -1.83 4.07
C THR B 232 1.85 -2.28 2.65
N ILE B 233 2.53 -3.42 2.47
CA ILE B 233 2.55 -4.08 1.18
C ILE B 233 1.12 -4.39 0.79
N GLY B 234 0.45 -5.19 1.63
CA GLY B 234 -0.98 -5.44 1.46
C GLY B 234 -1.38 -6.01 0.12
N PHE B 235 -0.72 -7.11 -0.28
CA PHE B 235 -1.22 -7.94 -1.37
C PHE B 235 -2.73 -8.14 -1.26
N GLY B 236 -3.18 -8.55 -0.08
CA GLY B 236 -4.55 -8.96 0.08
C GLY B 236 -4.83 -10.36 -0.42
N ASP B 237 -3.83 -11.25 -0.39
CA ASP B 237 -4.14 -12.67 -0.55
C ASP B 237 -4.73 -13.25 0.73
N TYR B 238 -4.56 -12.55 1.85
CA TYR B 238 -5.14 -12.87 3.14
C TYR B 238 -5.68 -11.58 3.76
N VAL B 239 -6.87 -11.66 4.36
CA VAL B 239 -7.48 -10.50 5.01
C VAL B 239 -8.12 -10.94 6.32
N ALA B 240 -7.90 -10.16 7.38
CA ALA B 240 -8.50 -10.43 8.68
C ALA B 240 -9.92 -9.86 8.69
N GLY B 241 -10.92 -10.75 8.72
CA GLY B 241 -12.32 -10.39 8.68
C GLY B 241 -13.00 -10.67 7.36
N GLY B 242 -12.26 -11.18 6.36
CA GLY B 242 -12.72 -11.15 5.00
C GLY B 242 -13.87 -12.09 4.70
N SER B 243 -13.98 -13.19 5.43
CA SER B 243 -14.98 -14.20 5.14
C SER B 243 -16.20 -13.98 6.04
N ASP B 244 -17.22 -14.83 5.86
CA ASP B 244 -18.51 -14.64 6.52
C ASP B 244 -18.64 -15.40 7.84
N ILE B 245 -17.54 -15.80 8.48
CA ILE B 245 -17.61 -16.95 9.38
C ILE B 245 -18.51 -16.76 10.60
N GLU B 246 -17.99 -16.14 11.67
CA GLU B 246 -18.79 -15.80 12.85
C GLU B 246 -18.51 -14.37 13.31
N TYR B 247 -17.24 -14.09 13.66
CA TYR B 247 -16.77 -12.75 14.08
C TYR B 247 -17.37 -12.14 15.36
N LEU B 248 -16.74 -12.46 16.50
CA LEU B 248 -17.09 -12.01 17.85
C LEU B 248 -17.39 -10.51 17.95
N ASP B 249 -16.82 -9.68 17.07
CA ASP B 249 -17.06 -8.24 16.97
C ASP B 249 -16.58 -7.52 18.23
N PHE B 250 -16.04 -8.32 19.18
CA PHE B 250 -14.83 -7.95 19.92
C PHE B 250 -13.60 -7.96 19.03
N TYR B 251 -13.58 -8.85 18.05
CA TYR B 251 -12.45 -9.11 17.17
C TYR B 251 -12.03 -7.99 16.23
N LYS B 252 -12.85 -7.67 15.24
CA LYS B 252 -12.50 -6.67 14.23
C LYS B 252 -12.07 -5.34 14.83
N PRO B 253 -12.74 -4.79 15.84
CA PRO B 253 -12.23 -3.55 16.46
C PRO B 253 -10.90 -3.72 17.18
N VAL B 254 -10.60 -4.90 17.72
CA VAL B 254 -9.25 -5.13 18.24
C VAL B 254 -8.23 -5.10 17.12
N VAL B 255 -8.60 -5.59 15.95
CA VAL B 255 -7.66 -5.63 14.83
C VAL B 255 -7.39 -4.22 14.31
N TRP B 256 -8.40 -3.35 14.31
CA TRP B 256 -8.16 -1.94 14.03
C TRP B 256 -7.07 -1.36 14.92
N PHE B 257 -7.22 -1.53 16.23
CA PHE B 257 -6.22 -1.04 17.18
C PHE B 257 -4.85 -1.66 16.93
N TRP B 258 -4.82 -2.96 16.66
CA TRP B 258 -3.57 -3.63 16.33
C TRP B 258 -2.87 -2.96 15.15
N ILE B 259 -3.63 -2.70 14.07
CA ILE B 259 -3.07 -2.01 12.91
C ILE B 259 -2.55 -0.64 13.30
N LEU B 260 -3.41 0.17 13.91
CA LEU B 260 -3.05 1.52 14.30
C LEU B 260 -1.74 1.55 15.07
N VAL B 261 -1.56 0.61 16.00
CA VAL B 261 -0.33 0.55 16.76
C VAL B 261 0.77 -0.14 15.96
N GLY B 262 0.44 -1.28 15.33
CA GLY B 262 1.44 -2.09 14.65
C GLY B 262 2.07 -1.44 13.42
N LEU B 263 1.38 -0.51 12.78
CA LEU B 263 2.01 0.27 11.72
C LEU B 263 3.10 1.15 12.31
N ALA B 264 2.78 1.86 13.38
CA ALA B 264 3.78 2.67 14.06
C ALA B 264 4.94 1.83 14.55
N TYR B 265 4.71 0.57 14.90
CA TYR B 265 5.81 -0.30 15.28
C TYR B 265 6.70 -0.61 14.07
N PHE B 266 6.14 -1.24 13.02
CA PHE B 266 6.97 -1.58 11.86
C PHE B 266 7.72 -0.38 11.34
N ALA B 267 7.07 0.78 11.30
CA ALA B 267 7.74 2.00 10.83
C ALA B 267 9.08 2.17 11.52
N ALA B 268 9.09 2.10 12.86
CA ALA B 268 10.36 2.17 13.58
C ALA B 268 11.23 0.96 13.27
N VAL B 269 10.62 -0.22 13.19
CA VAL B 269 11.39 -1.45 12.92
C VAL B 269 12.11 -1.32 11.58
N LEU B 270 11.36 -1.00 10.51
CA LEU B 270 11.96 -0.80 9.20
C LEU B 270 13.02 0.29 9.25
N SER B 271 12.70 1.40 9.93
CA SER B 271 13.66 2.49 10.04
C SER B 271 14.93 2.06 10.77
N MET B 272 14.79 1.25 11.81
CA MET B 272 15.96 0.70 12.51
C MET B 272 16.81 -0.15 11.58
N ILE B 273 16.16 -1.00 10.78
CA ILE B 273 16.86 -1.75 9.75
C ILE B 273 17.56 -0.79 8.79
N GLY B 274 16.87 0.30 8.44
CA GLY B 274 17.45 1.39 7.67
C GLY B 274 18.84 1.77 8.13
N ASP B 275 18.98 2.19 9.39
CA ASP B 275 20.31 2.60 9.85
C ASP B 275 21.28 1.43 9.91
N TRP B 276 20.79 0.22 10.15
CA TRP B 276 21.67 -0.94 10.08
C TRP B 276 22.31 -1.06 8.71
N LEU B 277 21.54 -0.76 7.66
CA LEU B 277 22.08 -0.79 6.31
C LEU B 277 23.13 0.30 6.12
N ARG B 278 22.81 1.53 6.53
CA ARG B 278 23.79 2.60 6.58
C ARG B 278 25.10 2.13 7.18
N VAL B 279 25.04 1.42 8.30
CA VAL B 279 26.24 0.97 8.98
C VAL B 279 26.97 -0.08 8.16
N ILE B 280 26.24 -1.08 7.67
CA ILE B 280 26.83 -2.11 6.82
C ILE B 280 27.44 -1.48 5.57
N ALA B 281 26.78 -0.47 5.00
CA ALA B 281 27.29 0.16 3.79
C ALA B 281 28.57 0.94 4.05
N LYS B 282 28.72 1.54 5.23
CA LYS B 282 29.99 2.16 5.59
C LYS B 282 31.09 1.11 5.72
N LYS B 283 30.90 0.10 6.59
CA LYS B 283 31.93 -0.91 6.80
C LYS B 283 32.35 -1.56 5.47
N THR B 284 31.38 -1.88 4.62
CA THR B 284 31.70 -2.57 3.38
C THR B 284 32.43 -1.67 2.40
N LYS B 285 32.04 -0.41 2.27
CA LYS B 285 32.73 0.51 1.37
C LYS B 285 34.21 0.62 1.76
N GLU B 286 34.49 0.85 3.04
CA GLU B 286 35.89 0.95 3.46
C GLU B 286 36.59 -0.40 3.40
N ALA B 287 35.86 -1.50 3.57
CA ALA B 287 36.47 -2.82 3.49
C ALA B 287 36.91 -3.16 2.08
N VAL B 288 36.15 -2.70 1.08
CA VAL B 288 36.60 -2.83 -0.30
C VAL B 288 37.94 -2.13 -0.50
N GLY B 289 38.06 -0.91 0.01
CA GLY B 289 39.31 -0.18 -0.15
C GLY B 289 40.49 -0.90 0.48
N GLU B 290 40.25 -1.56 1.61
CA GLU B 290 41.26 -2.37 2.27
C GLU B 290 41.57 -3.63 1.46
N PHE B 291 40.51 -4.34 1.07
CA PHE B 291 40.61 -5.48 0.18
C PHE B 291 41.44 -5.18 -1.07
N ARG B 292 41.41 -3.93 -1.54
CA ARG B 292 42.22 -3.55 -2.70
C ARG B 292 43.71 -3.65 -2.40
N ALA B 293 44.18 -2.89 -1.39
CA ALA B 293 45.60 -2.78 -1.09
C ALA B 293 46.20 -4.07 -0.53
N HIS B 294 45.36 -5.05 -0.24
CA HIS B 294 45.71 -6.29 0.41
C HIS B 294 45.50 -7.50 -0.46
N ALA B 295 44.85 -7.32 -1.61
CA ALA B 295 44.82 -8.32 -2.66
C ALA B 295 46.01 -8.15 -3.60
N ALA B 296 46.43 -6.90 -3.84
CA ALA B 296 47.70 -6.64 -4.49
C ALA B 296 48.84 -7.30 -3.71
N GLU B 297 48.94 -7.00 -2.42
CA GLU B 297 49.95 -7.61 -1.55
C GLU B 297 51.36 -7.21 -1.95
C10 Q6F C . 4.32 -5.74 -15.17
C13 Q6F C . 5.22 -4.50 -14.91
C15 Q6F C . 4.80 -6.94 -15.62
C17 Q6F C . 3.90 -7.99 -15.81
C20 Q6F C . 0.06 -10.70 -14.25
C21 Q6F C . 4.85 -1.69 -10.93
C22 Q6F C . 7.14 -2.16 -11.48
C09 Q6F C . 5.17 -1.98 -14.69
C11 Q6F C . 2.56 -7.84 -15.55
C12 Q6F C . 5.51 -1.95 -13.21
C14 Q6F C . 2.96 -5.57 -14.90
C16 Q6F C . 2.08 -6.62 -15.08
C18 Q6F C . 4.53 -1.69 -12.27
C19 Q6F C . 6.81 -2.19 -12.82
C23 Q6F C . 6.16 -1.90 -10.54
N07 Q6F C . 4.51 -3.24 -14.93
N08 Q6F C . 1.87 -9.11 -15.84
O04 Q6F C . 6.40 -4.58 -14.71
O05 Q6F C . 2.49 -11.49 -15.01
O06 Q6F C . 2.47 -9.91 -13.44
S03 Q6F C . 1.77 -10.29 -14.64
CL1 Q6F C . 2.84 -1.39 -12.74
CL2 Q6F C . 6.57 -1.87 -8.83
CD CD D . -1.53 -13.08 -17.66
C1 D12 E . 13.78 -14.06 10.43
C2 D12 E . 12.78 -14.91 9.65
C3 D12 E . 11.72 -15.46 10.60
C4 D12 E . 10.48 -15.86 9.82
C5 D12 E . 10.49 -17.38 9.56
C6 D12 E . 9.17 -17.99 10.02
C7 D12 E . 9.37 -19.49 10.32
C8 D12 E . 8.02 -20.21 10.28
C9 D12 E . 7.60 -20.59 11.69
C10 D12 E . 6.30 -21.40 11.63
C11 D12 E . 5.99 -21.96 13.02
C12 D12 E . 5.21 -23.26 12.86
C1 D12 F . 5.22 7.39 -18.57
C2 D12 F . 5.97 8.69 -18.86
C3 D12 F . 7.11 8.84 -17.86
C4 D12 F . 8.04 9.95 -18.33
C5 D12 F . 7.59 11.27 -17.69
C6 D12 F . 8.67 12.35 -17.92
C7 D12 F . 9.39 12.66 -16.61
C8 D12 F . 10.55 13.63 -16.85
C9 D12 F . 11.68 13.30 -15.87
C10 D12 F . 12.59 14.50 -15.65
C11 D12 F . 13.54 14.66 -16.83
C12 D12 F . 14.82 15.35 -16.35
C1 D10 G . -14.33 16.54 8.73
C2 D10 G . -14.05 17.87 9.43
C3 D10 G . -15.26 18.24 10.28
C4 D10 G . -15.15 19.71 10.72
C5 D10 G . -13.88 19.91 11.54
C6 D10 G . -14.12 19.47 12.98
C7 D10 G . -12.80 19.59 13.76
C8 D10 G . -12.91 20.72 14.79
C9 D10 G . -11.74 20.60 15.76
C10 D10 G . -11.60 21.92 16.51
C1 LNK H . -9.20 20.19 9.16
C2 LNK H . -9.51 19.49 10.48
C3 LNK H . -8.45 19.89 11.49
C4 LNK H . -9.08 19.84 12.88
C5 LNK H . -8.06 20.34 13.90
C1 OCT I . 23.87 -13.99 0.19
C2 OCT I . 23.50 -14.79 -1.05
C3 OCT I . 22.42 -15.81 -0.70
C4 OCT I . 21.05 -15.18 -0.82
C5 OCT I . 20.00 -16.27 -0.75
C6 OCT I . 19.36 -16.27 0.64
C7 OCT I . 18.47 -17.51 0.76
C8 OCT I . 17.63 -17.40 2.04
C27 R16 J . 20.38 -28.11 1.44
C28 R16 J . 19.18 -27.49 0.74
C29 R16 J . 18.27 -26.82 1.77
C30 R16 J . 17.26 -25.95 1.05
C31 R16 J . 16.08 -26.80 0.63
C32 R16 J . 15.45 -26.20 -0.62
C33 R16 J . 14.47 -27.20 -1.22
C34 R16 J . 13.12 -26.54 -1.38
C35 R16 J . 12.38 -26.57 -0.04
C36 R16 J . 11.82 -25.19 0.24
C37 R16 J . 11.23 -25.16 1.64
C38 R16 J . 10.78 -23.74 1.97
C39 R16 J . 11.89 -23.02 2.73
C40 R16 J . 12.56 -22.04 1.78
C41 R16 J . 13.20 -20.91 2.61
C42 R16 J . 14.23 -20.21 1.73
K K K . 3.75 7.33 2.31
K K L . -3.63 -5.52 -3.42
K K M . -0.02 -1.14 -0.58
K K N . 1.97 1.40 0.97
C1 UND O . -8.94 28.35 1.49
C2 UND O . -9.64 27.17 2.18
C3 UND O . -10.76 26.62 1.29
C4 UND O . -10.74 25.10 1.38
C5 UND O . -11.93 24.58 2.19
C6 UND O . -11.77 24.93 3.66
C7 UND O . -12.68 24.07 4.53
C8 UND O . -13.22 24.95 5.65
C9 UND O . -12.34 24.83 6.89
C10 UND O . -12.59 26.04 7.78
C11 UND O . -11.50 27.06 7.52
C1 UND P . -4.03 2.06 27.37
C2 UND P . -3.27 3.14 26.60
C3 UND P . -2.62 4.09 27.60
C4 UND P . -3.70 5.03 28.14
C5 UND P . -3.01 6.21 28.82
C6 UND P . -3.89 7.45 28.82
C7 UND P . -3.52 8.36 29.99
C8 UND P . -2.76 9.59 29.49
C9 UND P . -1.34 9.18 29.12
C10 UND P . -0.44 10.40 29.03
C11 UND P . 0.15 10.66 30.42
CD CD Q . -18.09 -12.08 0.98
CD CD R . 45.19 -1.60 4.83
CD CD S . -19.26 -5.39 8.56
C10 Q6F T . -12.84 -6.09 7.95
C13 Q6F T . -11.91 -5.42 9.01
C15 Q6F T . -12.27 -7.02 7.11
C17 Q6F T . -13.04 -7.67 6.14
C20 Q6F T . -15.95 -9.08 2.41
C21 Q6F T . -7.44 -3.58 8.07
C22 Q6F T . -8.84 -2.06 9.29
C09 Q6F T . -9.71 -5.58 10.28
C11 Q6F T . -14.37 -7.37 6.00
C12 Q6F T . -9.05 -4.41 9.62
C14 Q6F T . -14.19 -5.79 7.82
C16 Q6F T . -14.95 -6.44 6.85
C18 Q6F T . -8.03 -4.63 8.70
C19 Q6F T . -9.46 -3.12 9.92
C23 Q6F T . -7.82 -2.29 8.37
N07 Q6F T . -10.67 -6.10 9.31
N08 Q6F T . -14.92 -8.22 4.91
O04 Q6F T . -12.24 -4.42 9.58
O05 Q6F T . -15.89 -6.49 3.22
O06 Q6F T . -13.91 -7.38 2.65
S03 Q6F T . -15.14 -7.73 3.32
CL1 Q6F T . -7.51 -6.30 8.33
CL2 Q6F T . -7.01 -0.95 7.57
C1 D12 U . 20.97 -9.41 -1.29
C2 D12 U . 21.95 -8.97 -2.37
C3 D12 U . 23.21 -8.38 -1.73
C4 D12 U . 24.06 -7.79 -2.86
C5 D12 U . 25.47 -7.49 -2.35
C6 D12 U . 25.88 -6.10 -2.83
C7 D12 U . 27.38 -5.86 -2.62
C8 D12 U . 27.86 -4.78 -3.60
C9 D12 U . 29.27 -4.31 -3.26
C10 D12 U . 29.51 -2.96 -3.95
C11 D12 U . 30.85 -2.39 -3.52
C12 D12 U . 30.60 -1.18 -2.62
C1 D10 V . -3.65 -7.03 19.51
C2 D10 V . -3.04 -6.90 20.91
C3 D10 V . -2.46 -5.50 21.11
C4 D10 V . -1.77 -5.42 22.47
C5 D10 V . -1.23 -4.03 22.79
C6 D10 V . -1.85 -3.56 24.11
C7 D10 V . -1.02 -2.54 24.91
C8 D10 V . -0.03 -1.74 24.06
C9 D10 V . 0.44 -0.47 24.77
C10 D10 V . 0.21 -0.52 26.28
C1 LNK W . -26.19 1.36 12.80
C2 LNK W . -25.75 0.22 11.89
C3 LNK W . -24.24 0.07 11.99
C4 LNK W . -23.92 -1.31 12.54
C5 LNK W . -22.46 -1.34 12.98
C1 OCT X . -16.65 -3.91 11.29
C2 OCT X . -17.31 -3.74 12.66
C3 OCT X . -16.31 -3.16 13.65
C4 OCT X . -16.50 -1.65 13.72
C5 OCT X . -15.46 -1.00 14.62
C6 OCT X . -15.70 0.50 14.55
C7 OCT X . -14.72 1.34 15.38
C8 OCT X . -13.73 0.48 16.16
C1 OCT Y . -4.27 -22.81 19.28
C2 OCT Y . -3.29 -22.37 20.35
C3 OCT Y . -1.98 -23.13 20.15
C4 OCT Y . -0.91 -22.54 21.05
C5 OCT Y . 0.20 -21.93 20.18
C6 OCT Y . 1.14 -23.04 19.74
C7 OCT Y . 1.85 -22.59 18.46
C8 OCT Y . 3.12 -21.83 18.83
C27 R16 Z . 7.85 -17.81 15.09
C28 R16 Z . 8.99 -16.81 14.88
C29 R16 Z . 8.42 -15.48 14.40
C30 R16 Z . 9.45 -14.40 14.67
C31 R16 Z . 8.98 -13.07 14.07
C32 R16 Z . 9.93 -12.70 12.93
C33 R16 Z . 9.73 -11.23 12.57
C34 R16 Z . 11.07 -10.68 12.10
C35 R16 Z . 11.71 -9.91 13.24
C36 R16 Z . 13.21 -10.21 13.27
C37 R16 Z . 13.50 -11.21 14.38
C38 R16 Z . 14.99 -11.53 14.41
C39 R16 Z . 15.63 -10.91 15.65
C40 R16 Z . 17.10 -11.29 15.69
C41 R16 Z . 17.88 -10.19 16.39
C42 R16 Z . 18.61 -9.35 15.33
C27 R16 AA . 20.85 -12.97 4.07
C28 R16 AA . 20.77 -11.45 4.04
C29 R16 AA . 21.38 -10.93 2.75
C30 R16 AA . 21.08 -9.45 2.58
C31 R16 AA . 22.35 -8.63 2.82
C32 R16 AA . 22.14 -7.19 2.35
C33 R16 AA . 23.43 -6.38 2.49
C34 R16 AA . 23.28 -4.99 1.86
C35 R16 AA . 24.63 -4.41 1.42
C36 R16 AA . 24.42 -3.20 0.51
C37 R16 AA . 25.72 -2.50 0.10
C38 R16 AA . 25.46 -0.99 0.03
C39 R16 AA . 26.55 -0.24 -0.72
C40 R16 AA . 25.99 1.13 -1.11
C41 R16 AA . 27.12 2.13 -1.34
C42 R16 AA . 26.51 3.53 -1.38
K K BA . -1.54 -3.13 -1.72
#